data_1ECE
#
_entry.id   1ECE
#
_cell.length_a   97.130
_cell.length_b   97.130
_cell.length_c   258.710
_cell.angle_alpha   90.00
_cell.angle_beta   90.00
_cell.angle_gamma   120.00
#
_symmetry.space_group_name_H-M   'P 32 2 1'
#
loop_
_entity.id
_entity.type
_entity.pdbx_description
1 polymer 'ENDOCELLULASE E1'
2 branched beta-D-glucopyranose-(1-4)-beta-D-glucopyranose-(1-4)-beta-D-glucopyranose-(1-4)-beta-D-glucopyranose
3 water water
#
_entity_poly.entity_id   1
_entity_poly.type   'polypeptide(L)'
_entity_poly.pdbx_seq_one_letter_code
;AGGGYWHTSGREILDANNVPVRIAGINWFGFETCNYVVHGLWSRDYRSMLDQIKSLGYNTIRLPYSDDILKPGTMPNSIN
FYQMNQDLQGLTSLQVMDKIVAYAGQIGLRIILDRHRPDCSGQSALWYTSSVSEATWISDLQALAQRYKGNPTVVGFDLH
NEPHDPACWGCGDPSIDWRLAAERAGNAVLSVNPNLLIFVEGVQSYNGDSYWWGGNLQGAGQYPVVLNVPNRLVYSAHDY
ATSVYPQTWFSDPTFPNNMPGIWNKNWGYLFNQNIAPVWLGEFGTTLQSTTDQTWLKTLVQYLRPTAQYGADSFQWTFWS
WNPDSGDTGGILKDDWQTVDTVKDGYLAPIKSSIFDPV
;
_entity_poly.pdbx_strand_id   A,B
#
loop_
_chem_comp.id
_chem_comp.type
_chem_comp.name
_chem_comp.formula
BGC D-saccharide, beta linking beta-D-glucopyranose 'C6 H12 O6'
#
# COMPACT_ATOMS: atom_id res chain seq x y z
N ALA A 1 -13.41 -27.83 21.41
CA ALA A 1 -13.85 -28.44 20.13
C ALA A 1 -12.87 -27.98 19.07
N GLY A 2 -13.19 -28.23 17.81
CA GLY A 2 -12.33 -27.81 16.73
C GLY A 2 -11.39 -28.88 16.20
N GLY A 3 -11.45 -30.07 16.78
CA GLY A 3 -10.57 -31.14 16.34
C GLY A 3 -10.76 -31.60 14.91
N GLY A 4 -9.63 -31.88 14.25
CA GLY A 4 -9.62 -32.34 12.87
C GLY A 4 -10.08 -31.31 11.85
N TYR A 5 -10.28 -31.77 10.62
CA TYR A 5 -10.74 -30.91 9.54
C TYR A 5 -12.25 -30.66 9.73
N TRP A 6 -12.73 -29.50 9.34
CA TRP A 6 -14.13 -29.17 9.51
C TRP A 6 -15.02 -29.41 8.26
N HIS A 7 -16.33 -29.29 8.44
CA HIS A 7 -17.30 -29.48 7.35
C HIS A 7 -18.55 -28.70 7.68
N THR A 8 -19.32 -28.31 6.66
CA THR A 8 -20.55 -27.57 6.89
C THR A 8 -21.74 -28.52 7.07
N SER A 9 -22.80 -27.99 7.66
CA SER A 9 -24.06 -28.71 7.90
C SER A 9 -25.07 -27.58 8.01
N GLY A 10 -25.73 -27.25 6.92
CA GLY A 10 -26.67 -26.15 6.97
C GLY A 10 -25.91 -24.84 7.08
N ARG A 11 -26.29 -23.98 8.02
CA ARG A 11 -25.62 -22.71 8.19
C ARG A 11 -24.55 -22.73 9.29
N GLU A 12 -24.10 -23.92 9.65
CA GLU A 12 -23.08 -24.05 10.69
C GLU A 12 -21.83 -24.81 10.22
N ILE A 13 -20.74 -24.62 10.95
CA ILE A 13 -19.49 -25.30 10.65
C ILE A 13 -19.34 -26.27 11.82
N LEU A 14 -18.96 -27.51 11.54
CA LEU A 14 -18.80 -28.55 12.54
C LEU A 14 -17.40 -29.19 12.47
N ASP A 15 -16.80 -29.46 13.62
CA ASP A 15 -15.50 -30.07 13.64
C ASP A 15 -15.63 -31.52 13.24
N ALA A 16 -14.59 -32.31 13.42
CA ALA A 16 -14.64 -33.71 13.01
C ALA A 16 -15.53 -34.58 13.89
N ASN A 17 -15.75 -34.17 15.14
CA ASN A 17 -16.61 -34.92 16.05
C ASN A 17 -18.05 -34.46 15.92
N ASN A 18 -18.29 -33.60 14.94
CA ASN A 18 -19.62 -33.05 14.70
C ASN A 18 -20.08 -32.04 15.74
N VAL A 19 -19.14 -31.41 16.43
CA VAL A 19 -19.47 -30.39 17.40
C VAL A 19 -19.39 -29.08 16.65
N PRO A 20 -20.43 -28.23 16.73
CA PRO A 20 -20.43 -26.95 16.04
C PRO A 20 -19.38 -25.99 16.62
N VAL A 21 -18.70 -25.27 15.74
CA VAL A 21 -17.67 -24.35 16.16
C VAL A 21 -18.00 -23.03 15.49
N ARG A 22 -17.44 -21.95 16.02
CA ARG A 22 -17.66 -20.62 15.46
C ARG A 22 -16.32 -19.90 15.27
N ILE A 23 -16.05 -19.49 14.03
CA ILE A 23 -14.84 -18.75 13.69
C ILE A 23 -15.05 -17.34 14.21
N ALA A 24 -14.34 -16.94 15.24
CA ALA A 24 -14.48 -15.61 15.79
C ALA A 24 -13.05 -15.16 15.99
N GLY A 25 -12.46 -14.62 14.91
CA GLY A 25 -11.07 -14.22 14.95
C GLY A 25 -10.64 -12.83 14.53
N ILE A 26 -9.40 -12.78 14.01
CA ILE A 26 -8.80 -11.50 13.65
C ILE A 26 -7.92 -11.60 12.40
N ASN A 27 -7.76 -10.49 11.68
CA ASN A 27 -6.91 -10.44 10.50
C ASN A 27 -5.51 -9.97 10.95
N TRP A 28 -4.46 -10.67 10.54
CA TRP A 28 -3.08 -10.28 10.86
C TRP A 28 -2.40 -10.21 9.50
N PHE A 29 -2.33 -9.01 8.94
CA PHE A 29 -1.74 -8.86 7.61
C PHE A 29 -0.27 -8.53 7.53
N GLY A 30 0.30 -8.86 6.38
CA GLY A 30 1.69 -8.57 6.16
C GLY A 30 2.27 -9.33 4.99
N PHE A 31 1.95 -10.61 4.86
CA PHE A 31 2.50 -11.44 3.79
C PHE A 31 2.12 -11.03 2.38
N GLU A 32 1.11 -10.19 2.25
CA GLU A 32 0.63 -9.74 0.95
C GLU A 32 1.32 -8.43 0.50
N THR A 33 2.00 -7.77 1.44
CA THR A 33 2.69 -6.51 1.18
C THR A 33 4.12 -6.80 0.71
N CYS A 34 4.84 -5.77 0.31
CA CYS A 34 6.20 -5.98 -0.15
C CYS A 34 7.27 -6.14 0.93
N ASN A 35 6.85 -6.53 2.13
CA ASN A 35 7.74 -6.80 3.25
C ASN A 35 7.85 -8.32 3.33
N TYR A 36 6.87 -8.97 2.71
CA TYR A 36 6.77 -10.41 2.61
C TYR A 36 6.72 -11.16 3.93
N VAL A 37 6.09 -10.54 4.93
CA VAL A 37 5.96 -11.16 6.24
C VAL A 37 4.93 -10.36 7.03
N VAL A 38 4.31 -10.97 8.03
CA VAL A 38 3.32 -10.29 8.86
C VAL A 38 4.01 -9.13 9.57
N HIS A 39 3.34 -7.97 9.61
CA HIS A 39 3.91 -6.82 10.27
C HIS A 39 3.98 -6.96 11.79
N GLY A 40 4.77 -6.08 12.40
CA GLY A 40 4.92 -6.07 13.85
C GLY A 40 6.04 -6.92 14.42
N LEU A 41 6.69 -7.76 13.61
CA LEU A 41 7.78 -8.59 14.12
C LEU A 41 9.06 -7.77 14.27
N TRP A 42 8.94 -6.46 14.12
CA TRP A 42 10.06 -5.53 14.29
C TRP A 42 10.06 -5.07 15.74
N SER A 43 8.97 -5.36 16.44
CA SER A 43 8.82 -4.98 17.84
C SER A 43 8.41 -6.15 18.75
N ARG A 44 7.98 -7.27 18.17
CA ARG A 44 7.52 -8.37 18.99
C ARG A 44 7.97 -9.72 18.52
N ASP A 45 8.05 -10.67 19.44
CA ASP A 45 8.40 -12.02 19.07
C ASP A 45 7.08 -12.59 18.51
N TYR A 46 7.13 -13.34 17.42
CA TYR A 46 5.89 -13.90 16.83
C TYR A 46 5.05 -14.72 17.81
N ARG A 47 5.73 -15.54 18.60
CA ARG A 47 5.07 -16.37 19.60
C ARG A 47 4.42 -15.53 20.66
N SER A 48 5.07 -14.46 21.08
CA SER A 48 4.49 -13.55 22.05
C SER A 48 3.22 -12.89 21.44
N MET A 49 3.22 -12.69 20.12
CA MET A 49 2.05 -12.09 19.46
C MET A 49 0.90 -13.09 19.38
N LEU A 50 1.21 -14.32 18.98
CA LEU A 50 0.20 -15.36 18.90
C LEU A 50 -0.42 -15.61 20.30
N ASP A 51 0.41 -15.69 21.35
CA ASP A 51 -0.08 -15.90 22.69
C ASP A 51 -1.01 -14.77 23.15
N GLN A 52 -0.75 -13.53 22.73
CA GLN A 52 -1.60 -12.41 23.14
C GLN A 52 -2.92 -12.43 22.36
N ILE A 53 -2.89 -12.93 21.12
CA ILE A 53 -4.11 -12.98 20.33
C ILE A 53 -5.03 -13.95 21.05
N LYS A 54 -4.47 -15.11 21.43
CA LYS A 54 -5.21 -16.13 22.16
C LYS A 54 -5.77 -15.57 23.48
N SER A 55 -4.93 -14.88 24.24
CA SER A 55 -5.36 -14.29 25.50
C SER A 55 -6.59 -13.39 25.35
N LEU A 56 -6.65 -12.60 24.29
CA LEU A 56 -7.80 -11.70 24.10
C LEU A 56 -9.08 -12.43 23.77
N GLY A 57 -8.97 -13.72 23.47
CA GLY A 57 -10.12 -14.52 23.15
C GLY A 57 -10.39 -14.82 21.70
N TYR A 58 -9.54 -14.35 20.79
CA TYR A 58 -9.71 -14.58 19.34
C TYR A 58 -9.27 -16.00 19.02
N ASN A 59 -10.05 -16.73 18.22
CA ASN A 59 -9.70 -18.12 17.93
C ASN A 59 -9.17 -18.47 16.56
N THR A 60 -9.31 -17.56 15.61
CA THR A 60 -8.86 -17.81 14.24
C THR A 60 -8.14 -16.60 13.67
N ILE A 61 -7.19 -16.86 12.77
CA ILE A 61 -6.44 -15.80 12.11
C ILE A 61 -6.59 -15.94 10.60
N ARG A 62 -7.10 -14.89 9.96
CA ARG A 62 -7.20 -14.88 8.50
C ARG A 62 -5.82 -14.34 8.16
N LEU A 63 -5.04 -15.10 7.40
CA LEU A 63 -3.69 -14.68 7.07
C LEU A 63 -3.55 -14.36 5.58
N PRO A 64 -3.62 -13.07 5.23
CA PRO A 64 -3.50 -12.60 3.84
C PRO A 64 -2.13 -12.87 3.28
N TYR A 65 -2.05 -13.31 2.03
CA TYR A 65 -0.78 -13.54 1.34
C TYR A 65 -0.90 -13.08 -0.11
N SER A 66 0.23 -12.91 -0.81
CA SER A 66 0.23 -12.53 -2.24
C SER A 66 1.10 -13.58 -2.92
N ASP A 67 0.85 -13.86 -4.19
CA ASP A 67 1.61 -14.87 -4.92
C ASP A 67 3.12 -14.65 -4.97
N ASP A 68 3.55 -13.49 -4.52
CA ASP A 68 4.97 -13.15 -4.50
C ASP A 68 5.71 -14.07 -3.55
N ILE A 69 5.11 -14.39 -2.42
CA ILE A 69 5.79 -15.22 -1.44
C ILE A 69 6.03 -16.63 -1.94
N LEU A 70 5.48 -16.98 -3.10
CA LEU A 70 5.69 -18.33 -3.62
C LEU A 70 6.83 -18.36 -4.64
N LYS A 71 7.36 -17.18 -4.96
CA LYS A 71 8.48 -17.09 -5.88
C LYS A 71 9.67 -17.53 -5.05
N PRO A 72 10.52 -18.39 -5.63
CA PRO A 72 11.72 -18.96 -5.02
C PRO A 72 12.60 -17.95 -4.34
N GLY A 73 12.99 -18.28 -3.12
CA GLY A 73 13.87 -17.41 -2.37
C GLY A 73 13.31 -16.08 -1.90
N THR A 74 11.99 -15.89 -1.87
CA THR A 74 11.46 -14.63 -1.37
C THR A 74 11.66 -14.61 0.15
N MET A 75 12.29 -13.56 0.67
CA MET A 75 12.61 -13.41 2.08
C MET A 75 11.86 -12.24 2.69
N PRO A 76 11.62 -12.31 4.00
CA PRO A 76 10.92 -11.24 4.72
C PRO A 76 11.90 -10.08 4.76
N ASN A 77 11.42 -8.86 5.01
CA ASN A 77 12.34 -7.74 5.11
C ASN A 77 12.00 -6.72 6.19
N SER A 78 11.16 -7.12 7.16
CA SER A 78 10.78 -6.25 8.26
C SER A 78 10.68 -7.00 9.58
N ILE A 79 11.66 -7.84 9.87
CA ILE A 79 11.69 -8.59 11.13
C ILE A 79 12.93 -8.13 11.87
N ASN A 80 12.84 -8.03 13.20
CA ASN A 80 13.99 -7.67 14.03
C ASN A 80 14.38 -8.95 14.78
N PHE A 81 15.65 -9.33 14.71
CA PHE A 81 16.11 -10.56 15.36
C PHE A 81 16.89 -10.43 16.70
N TYR A 82 16.80 -9.29 17.37
CA TYR A 82 17.49 -9.13 18.65
C TYR A 82 16.63 -9.55 19.81
N GLN A 83 17.01 -10.62 20.50
CA GLN A 83 16.28 -11.13 21.66
C GLN A 83 14.87 -11.61 21.33
N MET A 84 14.62 -11.87 20.05
CA MET A 84 13.30 -12.32 19.60
C MET A 84 13.41 -12.83 18.18
N ASN A 85 12.48 -13.68 17.78
CA ASN A 85 12.45 -14.22 16.43
C ASN A 85 13.75 -14.85 15.99
N GLN A 86 14.59 -15.23 16.94
CA GLN A 86 15.88 -15.83 16.61
C GLN A 86 15.77 -17.03 15.68
N ASP A 87 14.64 -17.74 15.71
CA ASP A 87 14.47 -18.92 14.87
C ASP A 87 13.89 -18.68 13.48
N LEU A 88 13.59 -17.43 13.15
CA LEU A 88 13.05 -17.10 11.86
C LEU A 88 14.16 -16.61 10.96
N GLN A 89 15.32 -16.39 11.55
CA GLN A 89 16.45 -15.90 10.80
C GLN A 89 16.94 -16.83 9.71
N GLY A 90 17.06 -16.28 8.52
CA GLY A 90 17.52 -17.04 7.38
C GLY A 90 16.44 -17.84 6.71
N LEU A 91 15.22 -17.71 7.17
CA LEU A 91 14.10 -18.45 6.57
C LEU A 91 13.40 -17.63 5.52
N THR A 92 12.85 -18.29 4.52
CA THR A 92 12.13 -17.60 3.47
C THR A 92 10.73 -17.25 3.99
N SER A 93 10.00 -16.38 3.29
CA SER A 93 8.65 -15.98 3.70
C SER A 93 7.81 -17.23 3.98
N LEU A 94 7.92 -18.24 3.12
CA LEU A 94 7.17 -19.46 3.29
C LEU A 94 7.55 -20.22 4.54
N GLN A 95 8.85 -20.32 4.83
CA GLN A 95 9.31 -21.02 6.03
C GLN A 95 8.89 -20.26 7.28
N VAL A 96 8.80 -18.94 7.17
CA VAL A 96 8.35 -18.16 8.30
C VAL A 96 6.86 -18.43 8.44
N MET A 97 6.15 -18.65 7.33
CA MET A 97 4.74 -18.94 7.43
C MET A 97 4.55 -20.28 8.13
N ASP A 98 5.36 -21.28 7.79
CA ASP A 98 5.29 -22.60 8.43
C ASP A 98 5.45 -22.49 9.94
N LYS A 99 6.29 -21.59 10.41
CA LYS A 99 6.49 -21.41 11.84
C LYS A 99 5.22 -20.84 12.50
N ILE A 100 4.61 -19.84 11.86
CA ILE A 100 3.41 -19.22 12.40
C ILE A 100 2.26 -20.21 12.43
N VAL A 101 2.10 -20.99 11.38
CA VAL A 101 1.04 -21.97 11.32
C VAL A 101 1.21 -23.03 12.42
N ALA A 102 2.46 -23.43 12.62
CA ALA A 102 2.80 -24.46 13.62
C ALA A 102 2.56 -24.03 15.06
N TYR A 103 2.97 -22.83 15.42
CA TYR A 103 2.77 -22.39 16.79
C TYR A 103 1.29 -22.13 17.05
N ALA A 104 0.60 -21.60 16.05
CA ALA A 104 -0.82 -21.31 16.15
C ALA A 104 -1.59 -22.61 16.44
N GLY A 105 -1.21 -23.71 15.80
CA GLY A 105 -1.88 -24.97 16.02
C GLY A 105 -1.74 -25.41 17.46
N GLN A 106 -0.49 -25.47 17.92
CA GLN A 106 -0.20 -25.88 19.29
C GLN A 106 -0.96 -25.14 20.39
N ILE A 107 -1.10 -23.83 20.27
CA ILE A 107 -1.81 -23.09 21.31
C ILE A 107 -3.33 -23.11 21.21
N GLY A 108 -3.87 -23.81 20.21
CA GLY A 108 -5.32 -23.87 20.03
C GLY A 108 -5.99 -22.86 19.10
N LEU A 109 -5.25 -22.35 18.12
CA LEU A 109 -5.80 -21.39 17.16
C LEU A 109 -5.89 -22.07 15.78
N ARG A 110 -6.63 -21.47 14.86
CA ARG A 110 -6.78 -22.02 13.51
C ARG A 110 -6.42 -20.94 12.45
N ILE A 111 -6.09 -21.36 11.23
CA ILE A 111 -5.72 -20.41 10.19
C ILE A 111 -6.46 -20.59 8.86
N ILE A 112 -6.85 -19.47 8.26
CA ILE A 112 -7.52 -19.46 6.96
C ILE A 112 -6.62 -18.64 6.08
N LEU A 113 -6.07 -19.25 5.02
CA LEU A 113 -5.20 -18.54 4.09
C LEU A 113 -6.02 -17.70 3.13
N ASP A 114 -5.61 -16.46 2.90
CA ASP A 114 -6.36 -15.56 2.04
C ASP A 114 -5.49 -14.98 0.95
N ARG A 115 -5.77 -15.34 -0.29
CA ARG A 115 -5.04 -14.84 -1.43
C ARG A 115 -5.51 -13.40 -1.58
N HIS A 116 -4.86 -12.49 -0.86
CA HIS A 116 -5.24 -11.10 -0.82
C HIS A 116 -4.88 -10.23 -2.04
N ARG A 117 -3.77 -10.54 -2.71
CA ARG A 117 -3.30 -9.76 -3.85
C ARG A 117 -2.56 -10.64 -4.83
N PRO A 118 -2.69 -10.35 -6.14
CA PRO A 118 -1.96 -11.17 -7.12
C PRO A 118 -0.45 -10.99 -6.91
N ASP A 119 -0.05 -9.79 -6.51
CA ASP A 119 1.35 -9.46 -6.21
C ASP A 119 1.34 -8.38 -5.13
N CYS A 120 2.45 -8.23 -4.41
CA CYS A 120 2.55 -7.28 -3.30
C CYS A 120 2.25 -5.85 -3.59
N SER A 121 2.09 -5.51 -4.85
CA SER A 121 1.81 -4.13 -5.26
C SER A 121 0.40 -3.65 -4.92
N GLY A 122 -0.60 -4.53 -5.05
CA GLY A 122 -1.96 -4.13 -4.76
C GLY A 122 -3.01 -5.19 -5.05
N GLN A 123 -4.26 -4.86 -4.77
CA GLN A 123 -5.39 -5.76 -5.01
C GLN A 123 -5.84 -5.73 -6.47
N SER A 124 -6.64 -6.70 -6.88
CA SER A 124 -7.13 -6.72 -8.23
C SER A 124 -8.61 -7.08 -8.20
N ALA A 125 -9.35 -6.47 -9.12
CA ALA A 125 -10.78 -6.68 -9.25
C ALA A 125 -11.02 -8.10 -9.71
N LEU A 126 -10.25 -8.54 -10.67
CA LEU A 126 -10.42 -9.88 -11.16
C LEU A 126 -9.41 -10.79 -10.46
N TRP A 127 -9.58 -12.09 -10.62
CA TRP A 127 -8.73 -13.08 -9.99
C TRP A 127 -7.43 -13.34 -10.73
N TYR A 128 -7.12 -12.53 -11.72
CA TYR A 128 -5.90 -12.69 -12.50
C TYR A 128 -5.56 -11.36 -13.11
N THR A 129 -4.31 -11.19 -13.49
CA THR A 129 -3.83 -9.96 -14.13
C THR A 129 -2.90 -10.34 -15.27
N SER A 130 -2.42 -9.34 -16.00
CA SER A 130 -1.50 -9.59 -17.12
C SER A 130 -0.21 -10.26 -16.63
N SER A 131 0.23 -9.90 -15.43
CA SER A 131 1.43 -10.47 -14.85
C SER A 131 1.20 -11.71 -13.97
N VAL A 132 0.00 -11.88 -13.42
CA VAL A 132 -0.28 -13.07 -12.62
C VAL A 132 -1.49 -13.75 -13.22
N SER A 133 -1.25 -14.71 -14.10
CA SER A 133 -2.31 -15.42 -14.77
C SER A 133 -3.16 -16.30 -13.85
N GLU A 134 -4.32 -16.71 -14.35
CA GLU A 134 -5.23 -17.57 -13.62
C GLU A 134 -4.61 -18.93 -13.25
N ALA A 135 -3.72 -19.43 -14.11
CA ALA A 135 -3.06 -20.71 -13.88
C ALA A 135 -2.05 -20.64 -12.73
N THR A 136 -1.43 -19.49 -12.56
CA THR A 136 -0.46 -19.30 -11.48
C THR A 136 -1.29 -19.30 -10.20
N TRP A 137 -2.39 -18.56 -10.23
CA TRP A 137 -3.31 -18.46 -9.12
C TRP A 137 -3.64 -19.85 -8.63
N ILE A 138 -4.10 -20.69 -9.55
CA ILE A 138 -4.47 -22.05 -9.20
C ILE A 138 -3.30 -22.93 -8.79
N SER A 139 -2.16 -22.83 -9.47
CA SER A 139 -1.02 -23.63 -9.07
C SER A 139 -0.64 -23.27 -7.63
N ASP A 140 -0.61 -21.97 -7.34
CA ASP A 140 -0.24 -21.48 -6.03
C ASP A 140 -1.20 -21.94 -4.94
N LEU A 141 -2.50 -21.94 -5.24
CA LEU A 141 -3.49 -22.42 -4.28
C LEU A 141 -3.24 -23.91 -4.02
N GLN A 142 -3.01 -24.67 -5.08
CA GLN A 142 -2.75 -26.09 -4.90
C GLN A 142 -1.46 -26.33 -4.10
N ALA A 143 -0.42 -25.54 -4.35
CA ALA A 143 0.87 -25.69 -3.64
C ALA A 143 0.74 -25.51 -2.13
N LEU A 144 0.08 -24.43 -1.71
CA LEU A 144 -0.16 -24.17 -0.31
C LEU A 144 -1.04 -25.30 0.30
N ALA A 145 -2.03 -25.77 -0.46
CA ALA A 145 -2.92 -26.85 0.01
C ALA A 145 -2.11 -28.11 0.29
N GLN A 146 -1.23 -28.41 -0.66
CA GLN A 146 -0.31 -29.56 -0.58
C GLN A 146 0.65 -29.44 0.59
N ARG A 147 1.16 -28.24 0.82
CA ARG A 147 2.14 -27.92 1.87
C ARG A 147 1.63 -28.11 3.28
N TYR A 148 0.34 -27.85 3.50
CA TYR A 148 -0.26 -27.99 4.81
C TYR A 148 -1.26 -29.13 4.90
N LYS A 149 -1.23 -30.01 3.90
CA LYS A 149 -2.11 -31.15 3.86
C LYS A 149 -1.79 -32.05 5.04
N GLY A 150 -2.76 -32.30 5.88
CA GLY A 150 -2.52 -33.18 7.02
C GLY A 150 -2.36 -32.44 8.33
N ASN A 151 -2.30 -31.13 8.24
CA ASN A 151 -2.16 -30.27 9.41
C ASN A 151 -3.42 -29.45 9.41
N PRO A 152 -4.44 -29.88 10.16
CA PRO A 152 -5.74 -29.24 10.29
C PRO A 152 -5.67 -27.82 10.82
N THR A 153 -4.48 -27.31 11.14
CA THR A 153 -4.39 -25.95 11.64
C THR A 153 -4.91 -25.02 10.55
N VAL A 154 -4.64 -25.39 9.30
CA VAL A 154 -5.11 -24.61 8.16
C VAL A 154 -6.45 -25.24 7.74
N VAL A 155 -7.54 -24.62 8.16
CA VAL A 155 -8.88 -25.13 7.90
C VAL A 155 -9.48 -24.91 6.52
N GLY A 156 -8.96 -23.95 5.76
CA GLY A 156 -9.50 -23.69 4.43
C GLY A 156 -8.94 -22.46 3.76
N PHE A 157 -9.33 -22.22 2.51
CA PHE A 157 -8.84 -21.10 1.72
C PHE A 157 -9.88 -20.05 1.31
N ASP A 158 -9.50 -18.77 1.35
CA ASP A 158 -10.34 -17.62 0.96
C ASP A 158 -9.73 -17.39 -0.44
N LEU A 159 -10.37 -17.95 -1.46
CA LEU A 159 -9.89 -17.91 -2.83
C LEU A 159 -9.34 -16.61 -3.43
N HIS A 160 -10.07 -15.50 -3.31
CA HIS A 160 -9.55 -14.26 -3.86
C HIS A 160 -10.14 -13.13 -3.07
N ASN A 161 -9.32 -12.19 -2.65
CA ASN A 161 -9.80 -11.07 -1.87
C ASN A 161 -10.49 -9.98 -2.68
N GLU A 162 -11.69 -9.64 -2.24
CA GLU A 162 -12.47 -8.58 -2.82
C GLU A 162 -12.67 -8.45 -4.33
N PRO A 163 -13.24 -9.48 -4.96
CA PRO A 163 -13.50 -9.40 -6.40
C PRO A 163 -14.49 -8.23 -6.57
N HIS A 164 -14.32 -7.42 -7.59
CA HIS A 164 -15.24 -6.32 -7.82
C HIS A 164 -15.30 -5.96 -9.30
N ASP A 165 -16.00 -4.88 -9.62
CA ASP A 165 -16.16 -4.46 -11.02
C ASP A 165 -14.82 -4.45 -11.72
N PRO A 166 -14.78 -4.98 -12.95
CA PRO A 166 -15.89 -5.55 -13.73
C PRO A 166 -16.35 -7.01 -13.50
N ALA A 167 -15.91 -7.66 -12.43
CA ALA A 167 -16.29 -9.05 -12.17
C ALA A 167 -17.82 -9.23 -12.08
N CYS A 168 -18.33 -10.38 -12.51
CA CYS A 168 -19.76 -10.63 -12.47
C CYS A 168 -20.05 -11.95 -11.75
N TRP A 169 -21.28 -12.11 -11.31
CA TRP A 169 -21.70 -13.35 -10.66
C TRP A 169 -22.80 -13.97 -11.52
N GLY A 170 -22.45 -15.02 -12.26
CA GLY A 170 -23.42 -15.70 -13.10
C GLY A 170 -23.63 -15.24 -14.54
N CYS A 171 -22.98 -14.18 -14.99
CA CYS A 171 -23.19 -13.74 -16.38
C CYS A 171 -22.73 -14.72 -17.49
N GLY A 172 -22.06 -15.80 -17.11
CA GLY A 172 -21.64 -16.75 -18.12
C GLY A 172 -20.42 -16.42 -18.95
N ASP A 173 -19.91 -15.18 -18.86
CA ASP A 173 -18.69 -14.77 -19.60
C ASP A 173 -17.47 -15.20 -18.76
N PRO A 174 -16.76 -16.26 -19.20
CA PRO A 174 -15.57 -16.81 -18.51
C PRO A 174 -14.48 -15.83 -18.07
N SER A 175 -14.40 -14.67 -18.70
CA SER A 175 -13.36 -13.73 -18.34
C SER A 175 -13.71 -12.82 -17.19
N ILE A 176 -14.97 -12.82 -16.76
CA ILE A 176 -15.33 -11.95 -15.66
C ILE A 176 -16.27 -12.64 -14.69
N ASP A 177 -16.72 -13.84 -15.00
CA ASP A 177 -17.65 -14.52 -14.12
C ASP A 177 -16.92 -15.15 -12.94
N TRP A 178 -16.93 -14.43 -11.83
CA TRP A 178 -16.28 -14.89 -10.61
C TRP A 178 -16.91 -16.20 -10.12
N ARG A 179 -18.19 -16.38 -10.36
CA ARG A 179 -18.88 -17.56 -9.91
C ARG A 179 -18.24 -18.81 -10.52
N LEU A 180 -17.94 -18.73 -11.82
CA LEU A 180 -17.33 -19.86 -12.50
C LEU A 180 -15.85 -20.04 -12.09
N ALA A 181 -15.17 -18.93 -11.84
CA ALA A 181 -13.77 -18.95 -11.45
C ALA A 181 -13.59 -19.62 -10.11
N ALA A 182 -14.43 -19.26 -9.14
CA ALA A 182 -14.37 -19.83 -7.82
C ALA A 182 -14.56 -21.35 -7.86
N GLU A 183 -15.45 -21.84 -8.73
CA GLU A 183 -15.67 -23.28 -8.83
C GLU A 183 -14.42 -23.90 -9.40
N ARG A 184 -13.88 -23.26 -10.43
CA ARG A 184 -12.66 -23.72 -11.07
C ARG A 184 -11.52 -23.83 -10.03
N ALA A 185 -11.32 -22.78 -9.21
CA ALA A 185 -10.26 -22.80 -8.20
C ALA A 185 -10.56 -23.74 -7.05
N GLY A 186 -11.78 -23.66 -6.54
CA GLY A 186 -12.20 -24.48 -5.43
C GLY A 186 -12.01 -25.95 -5.69
N ASN A 187 -12.37 -26.39 -6.89
CA ASN A 187 -12.24 -27.79 -7.30
C ASN A 187 -10.80 -28.22 -7.44
N ALA A 188 -9.93 -27.29 -7.84
CA ALA A 188 -8.51 -27.59 -7.98
C ALA A 188 -7.97 -27.81 -6.57
N VAL A 189 -8.37 -26.93 -5.64
CA VAL A 189 -7.92 -27.04 -4.26
C VAL A 189 -8.39 -28.35 -3.62
N LEU A 190 -9.66 -28.69 -3.80
CA LEU A 190 -10.25 -29.92 -3.23
C LEU A 190 -9.65 -31.20 -3.81
N SER A 191 -9.07 -31.12 -5.00
CA SER A 191 -8.43 -32.28 -5.61
C SER A 191 -7.14 -32.65 -4.86
N VAL A 192 -6.56 -31.66 -4.18
CA VAL A 192 -5.35 -31.86 -3.41
C VAL A 192 -5.69 -32.31 -1.97
N ASN A 193 -6.59 -31.58 -1.32
CA ASN A 193 -7.03 -31.92 0.04
C ASN A 193 -8.55 -31.68 0.06
N PRO A 194 -9.35 -32.74 -0.06
CA PRO A 194 -10.81 -32.63 -0.06
C PRO A 194 -11.49 -32.33 1.26
N ASN A 195 -10.71 -32.04 2.29
CA ASN A 195 -11.24 -31.74 3.62
C ASN A 195 -11.16 -30.26 3.99
N LEU A 196 -10.61 -29.46 3.08
CA LEU A 196 -10.47 -28.03 3.30
C LEU A 196 -11.80 -27.39 3.04
N LEU A 197 -12.07 -26.31 3.77
CA LEU A 197 -13.29 -25.56 3.55
C LEU A 197 -12.89 -24.54 2.46
N ILE A 198 -13.83 -24.18 1.59
CA ILE A 198 -13.58 -23.23 0.50
C ILE A 198 -14.41 -21.98 0.77
N PHE A 199 -13.77 -20.86 1.07
CA PHE A 199 -14.47 -19.62 1.36
C PHE A 199 -14.56 -18.74 0.12
N VAL A 200 -15.78 -18.55 -0.37
CA VAL A 200 -15.99 -17.76 -1.58
C VAL A 200 -16.65 -16.42 -1.32
N GLU A 201 -15.92 -15.36 -1.66
CA GLU A 201 -16.38 -14.00 -1.48
C GLU A 201 -17.35 -13.58 -2.58
N GLY A 202 -18.01 -12.44 -2.38
CA GLY A 202 -18.95 -11.96 -3.36
C GLY A 202 -18.32 -10.94 -4.27
N VAL A 203 -19.13 -10.38 -5.17
CA VAL A 203 -18.62 -9.36 -6.08
C VAL A 203 -19.03 -8.01 -5.54
N GLN A 204 -19.15 -7.01 -6.41
CA GLN A 204 -19.52 -5.65 -6.00
C GLN A 204 -20.90 -5.26 -6.48
N SER A 205 -21.19 -5.54 -7.74
CA SER A 205 -22.48 -5.18 -8.34
C SER A 205 -23.25 -6.39 -8.84
N TYR A 206 -24.55 -6.37 -8.62
CA TYR A 206 -25.41 -7.44 -9.10
C TYR A 206 -26.78 -6.81 -9.35
N ASN A 207 -27.19 -6.77 -10.62
CA ASN A 207 -28.47 -6.16 -11.02
C ASN A 207 -28.43 -4.66 -10.80
N GLY A 208 -27.33 -4.05 -11.21
CA GLY A 208 -27.18 -2.61 -11.07
C GLY A 208 -27.00 -2.13 -9.64
N ASP A 209 -27.13 -3.04 -8.67
CA ASP A 209 -26.99 -2.72 -7.24
C ASP A 209 -25.55 -2.90 -6.77
N SER A 210 -24.98 -1.82 -6.22
CA SER A 210 -23.60 -1.85 -5.73
C SER A 210 -23.51 -1.90 -4.19
N TYR A 211 -22.45 -2.56 -3.70
CA TYR A 211 -22.20 -2.74 -2.27
C TYR A 211 -20.67 -2.84 -2.11
N TRP A 212 -20.17 -3.06 -0.90
CA TRP A 212 -18.72 -3.17 -0.69
C TRP A 212 -18.08 -4.28 -1.52
N TRP A 213 -16.84 -4.07 -1.97
CA TRP A 213 -16.13 -5.07 -2.76
C TRP A 213 -16.09 -6.38 -1.98
N GLY A 214 -16.40 -7.47 -2.64
CA GLY A 214 -16.38 -8.76 -1.98
C GLY A 214 -17.61 -9.03 -1.14
N GLY A 215 -18.49 -8.05 -0.98
CA GLY A 215 -19.67 -8.29 -0.16
C GLY A 215 -20.98 -8.56 -0.86
N ASN A 216 -21.08 -8.34 -2.18
CA ASN A 216 -22.34 -8.58 -2.90
C ASN A 216 -22.54 -10.04 -3.33
N LEU A 217 -23.28 -10.79 -2.50
CA LEU A 217 -23.58 -12.21 -2.78
C LEU A 217 -25.04 -12.40 -3.25
N GLN A 218 -25.62 -11.33 -3.79
CA GLN A 218 -27.00 -11.35 -4.28
C GLN A 218 -27.26 -12.41 -5.35
N GLY A 219 -26.25 -12.78 -6.10
CA GLY A 219 -26.45 -13.77 -7.13
C GLY A 219 -26.31 -15.20 -6.65
N ALA A 220 -25.78 -15.37 -5.44
CA ALA A 220 -25.55 -16.69 -4.90
C ALA A 220 -26.75 -17.61 -4.82
N GLY A 221 -27.90 -17.05 -4.47
CA GLY A 221 -29.11 -17.85 -4.35
C GLY A 221 -29.55 -18.49 -5.66
N GLN A 222 -29.46 -17.70 -6.71
CA GLN A 222 -29.85 -18.15 -8.04
C GLN A 222 -28.71 -18.89 -8.74
N TYR A 223 -27.48 -18.45 -8.49
CA TYR A 223 -26.30 -19.05 -9.12
C TYR A 223 -25.32 -19.52 -8.07
N PRO A 224 -25.60 -20.67 -7.44
CA PRO A 224 -24.74 -21.22 -6.41
C PRO A 224 -23.42 -21.75 -6.94
N VAL A 225 -22.41 -21.75 -6.07
CA VAL A 225 -21.10 -22.30 -6.41
C VAL A 225 -21.35 -23.78 -6.15
N VAL A 226 -20.93 -24.65 -7.05
CA VAL A 226 -21.15 -26.08 -6.84
C VAL A 226 -19.79 -26.77 -6.96
N LEU A 227 -19.35 -27.35 -5.85
CA LEU A 227 -18.06 -28.02 -5.73
C LEU A 227 -18.15 -29.54 -5.81
N ASN A 228 -17.03 -30.18 -6.12
CA ASN A 228 -16.95 -31.63 -6.27
C ASN A 228 -17.05 -32.37 -4.96
N VAL A 229 -16.77 -31.71 -3.84
CA VAL A 229 -16.87 -32.34 -2.52
C VAL A 229 -17.88 -31.51 -1.73
N PRO A 230 -18.97 -32.14 -1.33
CA PRO A 230 -20.06 -31.51 -0.59
C PRO A 230 -19.76 -31.19 0.86
N ASN A 231 -20.38 -30.10 1.34
CA ASN A 231 -20.25 -29.60 2.71
C ASN A 231 -18.89 -28.96 2.99
N ARG A 232 -18.36 -28.27 2.00
CA ARG A 232 -17.08 -27.59 2.14
C ARG A 232 -17.25 -26.10 1.89
N LEU A 233 -18.37 -25.70 1.30
CA LEU A 233 -18.60 -24.29 0.98
C LEU A 233 -19.11 -23.36 2.07
N VAL A 234 -18.52 -22.18 2.14
CA VAL A 234 -18.90 -21.16 3.09
C VAL A 234 -18.80 -19.84 2.32
N TYR A 235 -19.90 -19.10 2.20
CA TYR A 235 -19.83 -17.82 1.48
C TYR A 235 -19.21 -16.79 2.40
N SER A 236 -18.73 -15.70 1.82
CA SER A 236 -18.07 -14.67 2.62
C SER A 236 -18.44 -13.26 2.15
N ALA A 237 -18.47 -12.30 3.05
CA ALA A 237 -18.78 -10.92 2.70
C ALA A 237 -17.92 -10.00 3.54
N HIS A 238 -17.78 -8.76 3.10
CA HIS A 238 -17.02 -7.73 3.82
C HIS A 238 -17.98 -6.57 3.96
N ASP A 239 -17.87 -5.82 5.04
CA ASP A 239 -18.74 -4.69 5.24
C ASP A 239 -17.95 -3.67 6.06
N TYR A 240 -18.00 -2.40 5.66
CA TYR A 240 -17.29 -1.30 6.36
C TYR A 240 -18.17 -0.07 6.60
N ALA A 241 -17.65 0.88 7.35
CA ALA A 241 -18.40 2.09 7.64
C ALA A 241 -17.76 3.31 7.01
N THR A 242 -18.14 4.48 7.49
CA THR A 242 -17.63 5.71 6.92
C THR A 242 -16.14 5.97 7.06
N SER A 243 -15.48 5.33 8.02
CA SER A 243 -14.05 5.57 8.15
C SER A 243 -13.37 5.08 6.87
N VAL A 244 -13.99 4.14 6.16
CA VAL A 244 -13.45 3.60 4.92
C VAL A 244 -14.08 4.30 3.71
N TYR A 245 -15.40 4.36 3.69
CA TYR A 245 -16.08 5.00 2.59
C TYR A 245 -17.47 5.40 3.02
N PRO A 246 -17.78 6.70 2.92
CA PRO A 246 -19.08 7.27 3.30
C PRO A 246 -20.19 6.83 2.36
N GLN A 247 -20.52 5.54 2.40
CA GLN A 247 -21.57 5.02 1.57
C GLN A 247 -22.83 5.83 1.88
N THR A 248 -23.79 5.81 0.97
CA THR A 248 -25.03 6.56 1.13
C THR A 248 -26.03 6.14 2.24
N TRP A 249 -26.15 4.85 2.52
CA TRP A 249 -27.08 4.37 3.55
C TRP A 249 -26.80 4.90 4.97
N PHE A 250 -25.63 5.52 5.13
CA PHE A 250 -25.24 6.11 6.42
C PHE A 250 -25.89 7.51 6.55
N SER A 251 -26.29 8.06 5.40
CA SER A 251 -26.96 9.35 5.32
C SER A 251 -28.46 9.13 5.38
N ASP A 252 -28.88 7.87 5.37
CA ASP A 252 -30.28 7.56 5.44
C ASP A 252 -30.74 8.02 6.81
N PRO A 253 -31.88 8.72 6.87
CA PRO A 253 -32.48 9.26 8.10
C PRO A 253 -32.93 8.20 9.13
N THR A 254 -33.21 6.99 8.64
CA THR A 254 -33.63 5.91 9.54
C THR A 254 -32.43 5.10 10.00
N PHE A 255 -31.22 5.49 9.60
CA PHE A 255 -30.01 4.80 10.02
C PHE A 255 -30.03 4.73 11.55
N PRO A 256 -29.64 3.59 12.14
CA PRO A 256 -29.16 2.34 11.56
C PRO A 256 -30.25 1.30 11.29
N ASN A 257 -31.51 1.72 11.28
CA ASN A 257 -32.60 0.78 11.04
C ASN A 257 -32.56 0.18 9.65
N ASN A 258 -32.00 0.93 8.71
CA ASN A 258 -31.87 0.48 7.33
C ASN A 258 -30.80 -0.61 7.14
N MET A 259 -29.84 -0.69 8.06
CA MET A 259 -28.74 -1.63 7.94
C MET A 259 -29.10 -3.11 7.79
N PRO A 260 -29.91 -3.67 8.70
CA PRO A 260 -30.22 -5.10 8.51
C PRO A 260 -30.88 -5.42 7.17
N GLY A 261 -31.51 -4.43 6.56
CA GLY A 261 -32.12 -4.62 5.26
C GLY A 261 -31.00 -4.85 4.26
N ILE A 262 -30.04 -3.92 4.26
CA ILE A 262 -28.87 -3.99 3.38
C ILE A 262 -28.12 -5.32 3.59
N TRP A 263 -27.83 -5.64 4.84
CA TRP A 263 -27.12 -6.87 5.20
C TRP A 263 -27.87 -8.12 4.80
N ASN A 264 -29.17 -8.17 5.07
CA ASN A 264 -29.98 -9.35 4.72
C ASN A 264 -29.95 -9.62 3.23
N LYS A 265 -30.08 -8.54 2.47
CA LYS A 265 -30.11 -8.58 1.03
C LYS A 265 -28.82 -9.11 0.42
N ASN A 266 -27.72 -8.44 0.71
CA ASN A 266 -26.42 -8.82 0.18
C ASN A 266 -25.78 -10.12 0.69
N TRP A 267 -26.02 -10.52 1.94
CA TRP A 267 -25.41 -11.78 2.39
C TRP A 267 -26.19 -12.57 3.45
N GLY A 268 -26.87 -11.85 4.35
CA GLY A 268 -27.64 -12.47 5.41
C GLY A 268 -28.61 -13.55 4.96
N TYR A 269 -29.31 -13.33 3.84
CA TYR A 269 -30.29 -14.30 3.35
C TYR A 269 -29.77 -15.75 3.23
N LEU A 270 -28.51 -15.93 2.89
CA LEU A 270 -27.97 -17.28 2.75
C LEU A 270 -28.00 -17.96 4.11
N PHE A 271 -27.79 -17.17 5.16
CA PHE A 271 -27.80 -17.66 6.53
C PHE A 271 -29.24 -17.85 6.96
N ASN A 272 -30.02 -16.78 6.93
CA ASN A 272 -31.43 -16.83 7.31
C ASN A 272 -32.15 -18.03 6.67
N GLN A 273 -31.85 -18.29 5.40
CA GLN A 273 -32.49 -19.38 4.70
C GLN A 273 -31.81 -20.72 4.86
N ASN A 274 -30.79 -20.76 5.69
CA ASN A 274 -30.07 -21.99 5.96
C ASN A 274 -29.49 -22.65 4.71
N ILE A 275 -28.97 -21.83 3.79
CA ILE A 275 -28.40 -22.38 2.57
C ILE A 275 -26.96 -22.85 2.81
N ALA A 276 -26.19 -22.03 3.53
CA ALA A 276 -24.79 -22.34 3.83
C ALA A 276 -24.34 -21.35 4.88
N PRO A 277 -23.19 -21.62 5.57
CA PRO A 277 -22.70 -20.69 6.59
C PRO A 277 -22.20 -19.42 5.91
N VAL A 278 -22.25 -18.28 6.60
CA VAL A 278 -21.77 -17.03 6.01
C VAL A 278 -20.71 -16.47 6.97
N TRP A 279 -19.58 -16.02 6.40
CA TRP A 279 -18.45 -15.48 7.15
C TRP A 279 -18.15 -14.01 6.84
N LEU A 280 -18.30 -13.12 7.81
CA LEU A 280 -17.99 -11.71 7.58
C LEU A 280 -16.46 -11.67 7.74
N GLY A 281 -15.75 -11.76 6.62
CA GLY A 281 -14.29 -11.79 6.59
C GLY A 281 -13.48 -10.57 6.95
N GLU A 282 -14.06 -9.39 6.74
CA GLU A 282 -13.38 -8.15 7.08
C GLU A 282 -14.44 -7.17 7.48
N PHE A 283 -14.12 -6.39 8.49
CA PHE A 283 -14.98 -5.34 8.98
C PHE A 283 -14.17 -4.64 10.05
N GLY A 284 -14.20 -3.32 10.03
CA GLY A 284 -13.47 -2.57 11.03
C GLY A 284 -13.83 -1.11 10.93
N THR A 285 -13.23 -0.33 11.82
CA THR A 285 -13.44 1.10 11.86
C THR A 285 -12.57 1.76 12.91
N THR A 286 -12.24 3.02 12.68
CA THR A 286 -11.45 3.81 13.61
C THR A 286 -12.31 4.21 14.81
N LEU A 287 -13.63 4.17 14.62
CA LEU A 287 -14.61 4.55 15.66
C LEU A 287 -14.52 6.03 15.99
N GLN A 288 -14.14 6.82 15.00
CA GLN A 288 -14.01 8.24 15.23
C GLN A 288 -15.36 8.94 15.21
N SER A 289 -16.21 8.54 14.28
CA SER A 289 -17.52 9.13 14.15
C SER A 289 -18.51 8.35 14.97
N THR A 290 -19.55 9.03 15.41
CA THR A 290 -20.60 8.40 16.20
C THR A 290 -21.33 7.38 15.35
N THR A 291 -21.28 7.59 14.04
CA THR A 291 -21.93 6.70 13.07
C THR A 291 -21.30 5.29 13.06
N ASP A 292 -19.96 5.23 13.05
CA ASP A 292 -19.25 3.96 13.04
C ASP A 292 -19.47 3.23 14.36
N GLN A 293 -19.54 3.99 15.45
CA GLN A 293 -19.78 3.38 16.74
C GLN A 293 -21.17 2.74 16.74
N THR A 294 -22.16 3.44 16.18
CA THR A 294 -23.50 2.89 16.12
C THR A 294 -23.56 1.72 15.12
N TRP A 295 -22.81 1.86 14.02
CA TRP A 295 -22.76 0.83 12.99
C TRP A 295 -22.20 -0.46 13.58
N LEU A 296 -21.13 -0.32 14.36
CA LEU A 296 -20.47 -1.47 14.98
C LEU A 296 -21.37 -2.13 16.02
N LYS A 297 -21.98 -1.33 16.89
CA LYS A 297 -22.90 -1.86 17.90
C LYS A 297 -24.02 -2.63 17.18
N THR A 298 -24.60 -1.99 16.17
CA THR A 298 -25.66 -2.60 15.39
C THR A 298 -25.20 -3.91 14.77
N LEU A 299 -24.12 -3.84 13.99
CA LEU A 299 -23.61 -5.04 13.32
C LEU A 299 -23.27 -6.17 14.25
N VAL A 300 -22.67 -5.87 15.41
CA VAL A 300 -22.28 -6.91 16.35
C VAL A 300 -23.49 -7.71 16.79
N GLN A 301 -24.60 -7.01 17.01
CA GLN A 301 -25.86 -7.64 17.40
C GLN A 301 -26.43 -8.49 16.26
N TYR A 302 -26.37 -7.99 15.02
CA TYR A 302 -26.87 -8.70 13.83
C TYR A 302 -26.19 -10.05 13.61
N LEU A 303 -24.87 -10.10 13.86
CA LEU A 303 -24.06 -11.30 13.71
C LEU A 303 -24.41 -12.41 14.70
N ARG A 304 -25.23 -12.07 15.70
CA ARG A 304 -25.72 -12.98 16.74
C ARG A 304 -24.76 -13.35 17.86
N PRO A 305 -24.96 -12.74 19.05
CA PRO A 305 -24.16 -12.95 20.26
C PRO A 305 -24.11 -14.39 20.64
N THR A 306 -22.91 -14.84 20.98
CA THR A 306 -22.63 -16.21 21.36
C THR A 306 -23.43 -16.71 22.58
N ALA A 307 -23.70 -15.83 23.54
CA ALA A 307 -24.45 -16.22 24.74
C ALA A 307 -25.84 -16.74 24.37
N GLN A 308 -26.46 -16.08 23.39
CA GLN A 308 -27.79 -16.43 22.91
C GLN A 308 -27.77 -17.54 21.86
N TYR A 309 -27.03 -17.34 20.77
CA TYR A 309 -27.02 -18.29 19.67
C TYR A 309 -25.91 -19.30 19.55
N GLY A 310 -24.85 -19.15 20.33
CA GLY A 310 -23.77 -20.10 20.22
C GLY A 310 -23.16 -20.15 18.83
N ALA A 311 -22.92 -21.36 18.34
CA ALA A 311 -22.32 -21.57 17.03
C ALA A 311 -23.28 -21.39 15.86
N ASP A 312 -24.57 -21.23 16.15
CA ASP A 312 -25.59 -21.02 15.10
C ASP A 312 -25.64 -19.51 14.91
N SER A 313 -24.57 -18.97 14.32
CA SER A 313 -24.42 -17.56 14.09
C SER A 313 -23.43 -17.35 12.97
N PHE A 314 -23.15 -16.09 12.66
CA PHE A 314 -22.21 -15.75 11.59
C PHE A 314 -20.78 -15.91 12.05
N GLN A 315 -19.93 -16.37 11.13
CA GLN A 315 -18.50 -16.51 11.41
C GLN A 315 -17.95 -15.10 11.17
N TRP A 316 -16.84 -14.75 11.81
CA TRP A 316 -16.27 -13.42 11.60
C TRP A 316 -14.77 -13.35 11.89
N THR A 317 -14.08 -12.42 11.26
CA THR A 317 -12.67 -12.17 11.50
C THR A 317 -12.57 -10.67 11.30
N PHE A 318 -12.31 -9.95 12.38
CA PHE A 318 -12.20 -8.50 12.38
C PHE A 318 -10.94 -7.97 11.69
N TRP A 319 -10.98 -6.69 11.26
CA TRP A 319 -9.84 -6.03 10.63
C TRP A 319 -9.49 -4.72 11.38
N SER A 320 -8.31 -4.68 12.00
CA SER A 320 -7.36 -5.79 12.01
C SER A 320 -6.64 -5.86 13.33
N TRP A 321 -5.70 -6.78 13.43
CA TRP A 321 -4.89 -6.90 14.61
C TRP A 321 -3.91 -5.70 14.49
N ASN A 322 -3.35 -5.51 13.29
CA ASN A 322 -2.38 -4.45 12.99
C ASN A 322 -2.83 -3.01 13.30
N PRO A 323 -1.96 -2.20 13.90
CA PRO A 323 -2.38 -0.83 14.17
C PRO A 323 -2.14 0.00 12.90
N ASP A 324 -1.31 -0.50 12.01
CA ASP A 324 -1.00 0.24 10.80
C ASP A 324 -1.94 0.04 9.62
N SER A 325 -3.23 0.22 9.86
CA SER A 325 -4.19 0.08 8.79
C SER A 325 -4.81 1.43 8.61
N GLY A 326 -4.55 2.01 7.46
CA GLY A 326 -5.05 3.33 7.13
C GLY A 326 -6.35 3.79 7.74
N ASP A 327 -7.46 3.28 7.22
CA ASP A 327 -8.75 3.74 7.72
C ASP A 327 -9.62 2.83 8.58
N THR A 328 -8.99 2.02 9.42
CA THR A 328 -9.73 1.13 10.32
C THR A 328 -9.02 1.07 11.66
N GLY A 329 -7.71 1.30 11.66
CA GLY A 329 -6.94 1.20 12.88
C GLY A 329 -6.94 -0.29 13.22
N GLY A 330 -6.67 -0.65 14.46
CA GLY A 330 -6.68 -2.05 14.84
C GLY A 330 -6.87 -2.31 16.33
N ILE A 331 -6.78 -3.58 16.73
CA ILE A 331 -6.92 -3.92 18.14
C ILE A 331 -5.71 -3.43 18.92
N LEU A 332 -4.50 -3.61 18.39
CA LEU A 332 -3.30 -3.14 19.06
C LEU A 332 -3.14 -1.69 18.73
N LYS A 333 -2.40 -0.98 19.56
CA LYS A 333 -2.12 0.41 19.32
C LYS A 333 -0.77 0.54 18.63
N ASP A 334 -0.37 1.78 18.34
CA ASP A 334 0.87 2.08 17.63
C ASP A 334 2.15 1.49 18.23
N ASP A 335 2.08 1.02 19.46
CA ASP A 335 3.27 0.41 20.09
C ASP A 335 3.34 -1.10 19.92
N TRP A 336 2.35 -1.69 19.24
CA TRP A 336 2.32 -3.14 19.02
C TRP A 336 2.33 -3.89 20.34
N GLN A 337 1.61 -3.37 21.32
CA GLN A 337 1.60 -3.98 22.63
C GLN A 337 0.33 -3.62 23.39
N THR A 338 0.03 -2.32 23.47
CA THR A 338 -1.15 -1.86 24.15
C THR A 338 -2.41 -2.18 23.36
N VAL A 339 -3.38 -2.81 24.02
CA VAL A 339 -4.62 -3.16 23.37
C VAL A 339 -5.55 -1.96 23.42
N ASP A 340 -6.43 -1.87 22.43
CA ASP A 340 -7.42 -0.81 22.39
C ASP A 340 -8.60 -1.53 23.02
N THR A 341 -8.58 -1.59 24.35
CA THR A 341 -9.61 -2.28 25.13
C THR A 341 -11.04 -1.85 24.83
N VAL A 342 -11.16 -0.66 24.30
CA VAL A 342 -12.44 -0.09 23.93
C VAL A 342 -13.00 -0.81 22.69
N LYS A 343 -12.26 -0.73 21.59
CA LYS A 343 -12.66 -1.37 20.34
C LYS A 343 -12.81 -2.85 20.61
N ASP A 344 -11.86 -3.40 21.35
CA ASP A 344 -11.91 -4.81 21.71
C ASP A 344 -13.18 -5.12 22.50
N GLY A 345 -13.65 -4.14 23.27
CA GLY A 345 -14.86 -4.31 24.07
C GLY A 345 -16.10 -4.56 23.24
N TYR A 346 -16.20 -3.92 22.08
CA TYR A 346 -17.36 -4.11 21.22
C TYR A 346 -17.51 -5.52 20.68
N LEU A 347 -16.41 -6.22 20.47
CA LEU A 347 -16.48 -7.56 19.88
C LEU A 347 -16.79 -8.67 20.87
N ALA A 348 -16.78 -8.34 22.16
CA ALA A 348 -17.03 -9.35 23.19
C ALA A 348 -18.29 -10.25 23.10
N PRO A 349 -19.49 -9.68 22.79
CA PRO A 349 -20.66 -10.58 22.71
C PRO A 349 -20.63 -11.62 21.61
N ILE A 350 -19.73 -11.46 20.62
CA ILE A 350 -19.64 -12.41 19.53
C ILE A 350 -18.37 -13.26 19.51
N LYS A 351 -17.51 -13.10 20.51
CA LYS A 351 -16.31 -13.94 20.57
C LYS A 351 -16.78 -15.32 21.02
N SER A 352 -16.00 -16.34 20.69
CA SER A 352 -16.34 -17.71 21.05
C SER A 352 -15.15 -18.23 21.85
N SER A 353 -14.90 -19.53 21.82
CA SER A 353 -13.78 -20.07 22.59
C SER A 353 -12.61 -20.61 21.76
N ILE A 354 -11.46 -20.67 22.41
CA ILE A 354 -10.23 -21.17 21.80
C ILE A 354 -10.46 -22.67 21.47
N PHE A 355 -9.80 -23.16 20.43
CA PHE A 355 -9.96 -24.53 20.02
C PHE A 355 -8.95 -25.44 20.68
N ASP A 356 -9.05 -26.72 20.35
CA ASP A 356 -8.18 -27.74 20.89
C ASP A 356 -6.84 -27.62 20.20
N PRO A 357 -5.76 -27.86 20.95
CA PRO A 357 -4.42 -27.79 20.39
C PRO A 357 -4.35 -28.80 19.24
N VAL A 358 -3.49 -28.56 18.26
CA VAL A 358 -3.29 -29.45 17.12
C VAL A 358 -1.84 -30.01 17.19
N ALA B 1 29.08 23.62 -2.91
CA ALA B 1 28.03 24.61 -3.28
C ALA B 1 26.69 24.21 -2.69
N GLY B 2 25.65 24.97 -3.00
CA GLY B 2 24.33 24.65 -2.50
C GLY B 2 23.91 25.46 -1.29
N GLY B 3 24.64 26.52 -0.99
CA GLY B 3 24.29 27.30 0.18
C GLY B 3 23.05 28.15 -0.02
N GLY B 4 22.26 28.28 1.05
CA GLY B 4 21.05 29.09 1.01
C GLY B 4 19.95 28.56 0.13
N TYR B 5 18.83 29.28 0.09
CA TYR B 5 17.71 28.85 -0.74
C TYR B 5 18.10 29.02 -2.20
N TRP B 6 17.53 28.19 -3.07
CA TRP B 6 17.84 28.22 -4.49
C TRP B 6 16.82 28.94 -5.40
N HIS B 7 17.23 29.17 -6.64
CA HIS B 7 16.38 29.84 -7.63
C HIS B 7 16.74 29.31 -9.02
N THR B 8 15.84 29.45 -9.97
CA THR B 8 16.14 28.95 -11.30
C THR B 8 16.69 30.05 -12.18
N SER B 9 17.37 29.66 -13.25
CA SER B 9 17.92 30.58 -14.22
C SER B 9 17.92 29.80 -15.52
N GLY B 10 16.94 30.06 -16.38
CA GLY B 10 16.84 29.32 -17.62
C GLY B 10 16.52 27.89 -17.27
N ARG B 11 17.34 26.96 -17.74
CA ARG B 11 17.12 25.55 -17.46
C ARG B 11 17.99 24.99 -16.33
N GLU B 12 18.63 25.86 -15.54
CA GLU B 12 19.47 25.43 -14.43
C GLU B 12 18.94 25.95 -13.11
N ILE B 13 19.41 25.35 -12.02
CA ILE B 13 19.03 25.78 -10.68
C ILE B 13 20.35 26.32 -10.14
N LEU B 14 20.32 27.38 -9.34
CA LEU B 14 21.55 27.96 -8.80
C LEU B 14 21.39 28.22 -7.33
N ASP B 15 22.48 28.20 -6.56
CA ASP B 15 22.38 28.44 -5.14
C ASP B 15 22.34 29.94 -4.86
N ALA B 16 22.41 30.31 -3.60
CA ALA B 16 22.33 31.73 -3.28
C ALA B 16 23.51 32.54 -3.79
N ASN B 17 24.61 31.86 -4.10
CA ASN B 17 25.80 32.55 -4.62
C ASN B 17 25.88 32.43 -6.13
N ASN B 18 24.77 32.03 -6.76
CA ASN B 18 24.67 31.87 -8.22
C ASN B 18 25.47 30.75 -8.85
N VAL B 19 25.90 29.82 -8.01
CA VAL B 19 26.65 28.66 -8.48
C VAL B 19 25.66 27.56 -8.88
N PRO B 20 25.85 26.92 -10.03
CA PRO B 20 24.96 25.85 -10.48
C PRO B 20 25.06 24.64 -9.57
N VAL B 21 23.92 24.07 -9.21
CA VAL B 21 23.84 22.87 -8.37
C VAL B 21 22.94 21.89 -9.12
N ARG B 22 23.22 20.60 -9.00
CA ARG B 22 22.42 19.58 -9.67
C ARG B 22 21.82 18.67 -8.63
N ILE B 23 20.49 18.54 -8.63
CA ILE B 23 19.82 17.66 -7.70
C ILE B 23 20.08 16.29 -8.30
N ALA B 24 20.84 15.46 -7.59
CA ALA B 24 21.17 14.12 -8.03
C ALA B 24 21.05 13.22 -6.82
N GLY B 25 19.81 12.79 -6.54
CA GLY B 25 19.53 12.01 -5.37
C GLY B 25 18.66 10.78 -5.39
N ILE B 26 17.93 10.60 -4.30
CA ILE B 26 17.13 9.41 -4.14
C ILE B 26 15.87 9.60 -3.30
N ASN B 27 14.92 8.68 -3.49
CA ASN B 27 13.63 8.63 -2.80
C ASN B 27 13.72 7.68 -1.59
N TRP B 28 13.38 8.18 -0.40
CA TRP B 28 13.38 7.31 0.77
C TRP B 28 11.94 7.48 1.23
N PHE B 29 11.13 6.45 0.98
CA PHE B 29 9.71 6.50 1.31
C PHE B 29 9.27 5.83 2.60
N GLY B 30 8.10 6.29 3.10
CA GLY B 30 7.53 5.76 4.31
C GLY B 30 6.56 6.69 5.02
N PHE B 31 6.87 7.99 5.06
CA PHE B 31 5.98 8.94 5.74
C PHE B 31 4.57 9.02 5.18
N GLU B 32 4.39 8.51 3.96
CA GLU B 32 3.10 8.50 3.26
C GLU B 32 2.32 7.20 3.43
N THR B 33 2.98 6.19 4.00
CA THR B 33 2.33 4.90 4.23
C THR B 33 1.73 4.92 5.63
N CYS B 34 0.95 3.90 5.97
CA CYS B 34 0.33 3.85 7.28
C CYS B 34 1.27 3.51 8.44
N ASN B 35 2.58 3.58 8.20
CA ASN B 35 3.55 3.36 9.26
C ASN B 35 3.95 4.72 9.82
N TYR B 36 3.65 5.78 9.06
CA TYR B 36 3.91 7.16 9.46
C TYR B 36 5.36 7.55 9.72
N VAL B 37 6.27 6.82 9.09
CA VAL B 37 7.70 7.07 9.24
C VAL B 37 8.47 6.36 8.12
N VAL B 38 9.60 6.91 7.68
CA VAL B 38 10.39 6.27 6.62
C VAL B 38 10.64 4.82 7.04
N HIS B 39 10.63 3.93 6.08
CA HIS B 39 10.85 2.54 6.37
C HIS B 39 12.30 2.23 6.62
N GLY B 40 12.56 1.08 7.26
CA GLY B 40 13.92 0.65 7.50
C GLY B 40 14.45 0.93 8.88
N LEU B 41 13.78 1.79 9.63
CA LEU B 41 14.21 2.13 10.98
C LEU B 41 14.00 0.98 11.98
N TRP B 42 13.58 -0.17 11.47
CA TRP B 42 13.37 -1.36 12.27
C TRP B 42 14.66 -2.17 12.32
N SER B 43 15.60 -1.84 11.42
CA SER B 43 16.90 -2.53 11.33
C SER B 43 18.12 -1.57 11.35
N ARG B 44 17.89 -0.28 11.12
CA ARG B 44 18.99 0.67 11.07
C ARG B 44 18.70 1.92 11.88
N ASP B 45 19.76 2.63 12.26
CA ASP B 45 19.61 3.90 12.99
C ASP B 45 19.37 4.94 11.88
N TYR B 46 18.50 5.92 12.10
CA TYR B 46 18.27 6.90 11.03
C TYR B 46 19.50 7.65 10.56
N ARG B 47 20.38 8.02 11.49
CA ARG B 47 21.61 8.73 11.15
C ARG B 47 22.54 7.86 10.30
N SER B 48 22.65 6.60 10.68
CA SER B 48 23.48 5.64 9.97
C SER B 48 22.97 5.52 8.52
N MET B 49 21.66 5.59 8.36
CA MET B 49 21.06 5.51 7.03
C MET B 49 21.44 6.75 6.21
N LEU B 50 21.22 7.93 6.78
CA LEU B 50 21.55 9.18 6.09
C LEU B 50 23.03 9.22 5.66
N ASP B 51 23.92 8.74 6.53
CA ASP B 51 25.34 8.70 6.22
C ASP B 51 25.65 7.78 5.04
N GLN B 52 25.01 6.62 5.00
CA GLN B 52 25.27 5.69 3.92
C GLN B 52 24.77 6.24 2.59
N ILE B 53 23.71 7.04 2.63
CA ILE B 53 23.18 7.65 1.41
C ILE B 53 24.20 8.65 0.90
N LYS B 54 24.69 9.48 1.81
CA LYS B 54 25.71 10.48 1.48
C LYS B 54 26.98 9.84 0.89
N SER B 55 27.51 8.81 1.53
CA SER B 55 28.72 8.15 1.03
C SER B 55 28.60 7.47 -0.33
N LEU B 56 27.38 7.11 -0.71
CA LEU B 56 27.17 6.45 -2.00
C LEU B 56 27.16 7.53 -3.09
N GLY B 57 27.06 8.79 -2.66
CA GLY B 57 27.08 9.91 -3.59
C GLY B 57 25.78 10.60 -3.94
N TYR B 58 24.74 10.37 -3.16
CA TYR B 58 23.44 10.98 -3.40
C TYR B 58 23.40 12.27 -2.62
N ASN B 59 22.89 13.33 -3.22
CA ASN B 59 22.87 14.60 -2.51
C ASN B 59 21.51 15.12 -2.09
N THR B 60 20.44 14.55 -2.61
CA THR B 60 19.12 15.02 -2.27
C THR B 60 18.19 13.86 -2.00
N ILE B 61 17.27 14.06 -1.07
CA ILE B 61 16.29 13.05 -0.72
C ILE B 61 14.89 13.58 -1.03
N ARG B 62 14.12 12.86 -1.83
CA ARG B 62 12.75 13.26 -2.08
C ARG B 62 12.08 12.47 -0.98
N LEU B 63 11.39 13.18 -0.11
CA LEU B 63 10.75 12.53 1.01
C LEU B 63 9.22 12.53 0.86
N PRO B 64 8.61 11.40 0.46
CA PRO B 64 7.16 11.36 0.31
C PRO B 64 6.48 11.37 1.67
N TYR B 65 5.33 12.04 1.76
CA TYR B 65 4.54 12.13 2.98
C TYR B 65 3.04 12.15 2.57
N SER B 66 2.14 11.96 3.55
CA SER B 66 0.71 12.02 3.29
C SER B 66 0.15 12.99 4.33
N ASP B 67 -0.97 13.64 4.05
CA ASP B 67 -1.53 14.58 5.01
C ASP B 67 -1.87 13.98 6.36
N ASP B 68 -1.88 12.65 6.47
CA ASP B 68 -2.18 12.00 7.74
C ASP B 68 -1.24 12.42 8.87
N ILE B 69 0.03 12.69 8.52
CA ILE B 69 1.02 13.06 9.51
C ILE B 69 0.83 14.45 10.09
N LEU B 70 -0.01 15.26 9.46
CA LEU B 70 -0.25 16.57 9.99
C LEU B 70 -1.42 16.49 10.94
N LYS B 71 -1.99 15.29 11.09
CA LYS B 71 -3.09 15.05 12.03
C LYS B 71 -2.44 15.00 13.40
N PRO B 72 -2.99 15.76 14.37
CA PRO B 72 -2.52 15.87 15.75
C PRO B 72 -2.15 14.56 16.40
N GLY B 73 -0.89 14.46 16.85
CA GLY B 73 -0.42 13.26 17.51
C GLY B 73 -0.35 11.99 16.67
N THR B 74 -0.01 12.11 15.39
CA THR B 74 0.13 10.92 14.58
C THR B 74 1.54 10.46 14.96
N MET B 75 1.70 9.17 15.23
CA MET B 75 2.98 8.64 15.65
C MET B 75 3.47 7.48 14.80
N PRO B 76 4.79 7.35 14.65
CA PRO B 76 5.36 6.26 13.86
C PRO B 76 4.99 4.91 14.52
N ASN B 77 4.95 3.82 13.75
CA ASN B 77 4.67 2.51 14.33
C ASN B 77 5.58 1.41 13.82
N SER B 78 6.64 1.77 13.12
CA SER B 78 7.58 0.77 12.62
C SER B 78 9.04 1.16 12.89
N ILE B 79 9.34 1.57 14.13
CA ILE B 79 10.69 1.95 14.54
C ILE B 79 11.12 1.01 15.68
N ASN B 80 12.39 0.59 15.67
CA ASN B 80 12.94 -0.26 16.72
C ASN B 80 13.94 0.63 17.50
N PHE B 81 13.67 0.86 18.79
CA PHE B 81 14.47 1.71 19.68
C PHE B 81 15.52 0.99 20.51
N TYR B 82 15.85 -0.21 20.10
CA TYR B 82 16.79 -1.05 20.81
C TYR B 82 18.21 -0.84 20.29
N GLN B 83 18.98 -0.01 21.00
CA GLN B 83 20.36 0.28 20.61
C GLN B 83 20.48 1.09 19.32
N MET B 84 19.40 1.77 18.96
CA MET B 84 19.33 2.62 17.76
C MET B 84 18.05 3.44 17.80
N ASN B 85 18.07 4.61 17.17
CA ASN B 85 16.89 5.46 17.09
C ASN B 85 16.37 5.91 18.45
N GLN B 86 17.22 5.84 19.47
CA GLN B 86 16.83 6.22 20.82
C GLN B 86 16.26 7.60 20.95
N ASP B 87 16.80 8.57 20.23
CA ASP B 87 16.26 9.91 20.36
C ASP B 87 14.91 10.12 19.66
N LEU B 88 14.45 9.12 18.91
CA LEU B 88 13.17 9.20 18.19
C LEU B 88 11.97 8.80 19.08
N GLN B 89 12.25 8.01 20.11
CA GLN B 89 11.24 7.51 21.04
C GLN B 89 10.36 8.57 21.70
N GLY B 90 9.05 8.40 21.55
CA GLY B 90 8.10 9.34 22.14
C GLY B 90 7.69 10.52 21.26
N LEU B 91 8.37 10.69 20.14
CA LEU B 91 8.06 11.77 19.22
C LEU B 91 6.98 11.36 18.22
N THR B 92 6.24 12.37 17.72
CA THR B 92 5.20 12.18 16.74
C THR B 92 5.89 12.08 15.36
N SER B 93 5.15 11.81 14.29
CA SER B 93 5.76 11.72 12.97
C SER B 93 6.50 12.99 12.56
N LEU B 94 5.90 14.15 12.79
CA LEU B 94 6.53 15.42 12.45
C LEU B 94 7.85 15.67 13.19
N GLN B 95 7.89 15.35 14.48
CA GLN B 95 9.12 15.54 15.24
C GLN B 95 10.17 14.61 14.68
N VAL B 96 9.76 13.42 14.25
CA VAL B 96 10.72 12.50 13.65
C VAL B 96 11.20 13.10 12.33
N MET B 97 10.32 13.81 11.63
CA MET B 97 10.71 14.45 10.37
C MET B 97 11.71 15.55 10.72
N ASP B 98 11.45 16.28 11.79
CA ASP B 98 12.36 17.35 12.22
C ASP B 98 13.77 16.83 12.45
N LYS B 99 13.88 15.63 13.02
CA LYS B 99 15.18 14.99 13.28
C LYS B 99 15.91 14.66 11.98
N ILE B 100 15.21 13.99 11.07
CA ILE B 100 15.79 13.63 9.79
C ILE B 100 16.25 14.87 9.00
N VAL B 101 15.43 15.93 9.02
CA VAL B 101 15.75 17.17 8.30
C VAL B 101 17.02 17.84 8.85
N ALA B 102 17.08 18.00 10.17
CA ALA B 102 18.24 18.61 10.82
C ALA B 102 19.53 17.88 10.50
N TYR B 103 19.54 16.58 10.76
CA TYR B 103 20.72 15.78 10.53
C TYR B 103 21.15 15.78 9.06
N ALA B 104 20.17 15.72 8.16
CA ALA B 104 20.47 15.73 6.74
C ALA B 104 21.15 17.06 6.39
N GLY B 105 20.67 18.13 7.00
CA GLY B 105 21.26 19.45 6.77
C GLY B 105 22.71 19.46 7.20
N GLN B 106 22.98 18.88 8.38
CA GLN B 106 24.33 18.79 8.95
C GLN B 106 25.32 18.08 8.05
N ILE B 107 24.96 16.93 7.52
CA ILE B 107 25.89 16.24 6.65
C ILE B 107 25.94 16.74 5.21
N GLY B 108 25.27 17.86 4.92
CA GLY B 108 25.29 18.43 3.58
C GLY B 108 24.30 17.89 2.55
N LEU B 109 23.22 17.26 3.00
CA LEU B 109 22.18 16.76 2.10
C LEU B 109 21.03 17.78 2.04
N ARG B 110 20.22 17.72 0.99
CA ARG B 110 19.04 18.60 0.86
C ARG B 110 17.79 17.73 0.79
N ILE B 111 16.65 18.32 1.12
CA ILE B 111 15.40 17.60 1.15
C ILE B 111 14.28 18.30 0.38
N ILE B 112 13.54 17.51 -0.40
CA ILE B 112 12.39 17.98 -1.16
C ILE B 112 11.16 17.24 -0.61
N LEU B 113 10.19 17.99 -0.08
CA LEU B 113 8.97 17.40 0.50
C LEU B 113 7.99 17.10 -0.62
N ASP B 114 7.49 15.87 -0.63
CA ASP B 114 6.59 15.42 -1.67
C ASP B 114 5.24 14.97 -1.11
N ARG B 115 4.19 15.73 -1.44
CA ARG B 115 2.83 15.36 -1.00
C ARG B 115 2.46 14.18 -1.88
N HIS B 116 2.78 12.97 -1.38
CA HIS B 116 2.60 11.73 -2.12
C HIS B 116 1.22 11.10 -2.21
N ARG B 117 0.44 11.19 -1.13
CA ARG B 117 -0.89 10.60 -1.03
C ARG B 117 -1.77 11.48 -0.19
N PRO B 118 -3.06 11.60 -0.52
CA PRO B 118 -3.93 12.45 0.31
C PRO B 118 -4.00 11.83 1.73
N ASP B 119 -3.99 10.51 1.81
CA ASP B 119 -4.00 9.83 3.09
C ASP B 119 -3.15 8.56 2.91
N CYS B 120 -2.79 7.90 3.99
CA CYS B 120 -1.91 6.74 3.92
C CYS B 120 -2.45 5.55 3.19
N SER B 121 -3.72 5.59 2.83
CA SER B 121 -4.34 4.49 2.11
C SER B 121 -3.95 4.39 0.63
N GLY B 122 -3.57 5.50 0.00
CA GLY B 122 -3.18 5.44 -1.40
C GLY B 122 -3.09 6.74 -2.18
N GLN B 123 -2.51 6.65 -3.38
CA GLN B 123 -2.34 7.79 -4.27
C GLN B 123 -3.67 8.14 -4.87
N SER B 124 -3.80 9.34 -5.42
CA SER B 124 -5.03 9.73 -6.06
C SER B 124 -4.71 10.43 -7.38
N ALA B 125 -5.63 10.29 -8.34
CA ALA B 125 -5.48 10.89 -9.65
C ALA B 125 -5.59 12.41 -9.60
N LEU B 126 -6.35 12.92 -8.64
CA LEU B 126 -6.52 14.35 -8.49
C LEU B 126 -5.90 14.78 -7.20
N TRP B 127 -5.75 16.09 -7.03
CA TRP B 127 -5.13 16.65 -5.84
C TRP B 127 -6.06 16.71 -4.64
N TYR B 128 -7.25 16.16 -4.76
CA TYR B 128 -8.21 16.14 -3.65
C TYR B 128 -9.11 14.91 -3.77
N THR B 129 -9.68 14.49 -2.66
CA THR B 129 -10.57 13.35 -2.66
C THR B 129 -11.77 13.75 -1.83
N SER B 130 -12.78 12.89 -1.77
CA SER B 130 -13.98 13.20 -0.99
C SER B 130 -13.65 13.41 0.49
N SER B 131 -12.58 12.76 0.97
CA SER B 131 -12.17 12.90 2.36
C SER B 131 -11.15 14.00 2.63
N VAL B 132 -10.23 14.23 1.68
CA VAL B 132 -9.22 15.25 1.85
C VAL B 132 -9.45 16.31 0.80
N SER B 133 -9.96 17.45 1.24
CA SER B 133 -10.29 18.52 0.34
C SER B 133 -9.08 19.30 -0.13
N GLU B 134 -9.29 20.04 -1.21
CA GLU B 134 -8.26 20.89 -1.79
C GLU B 134 -7.79 21.90 -0.74
N ALA B 135 -8.70 22.33 0.12
CA ALA B 135 -8.34 23.31 1.15
C ALA B 135 -7.43 22.73 2.20
N THR B 136 -7.63 21.45 2.50
CA THR B 136 -6.80 20.77 3.49
C THR B 136 -5.41 20.59 2.85
N TRP B 137 -5.37 20.21 1.58
CA TRP B 137 -4.11 20.02 0.86
C TRP B 137 -3.33 21.32 0.94
N ILE B 138 -3.92 22.41 0.45
CA ILE B 138 -3.25 23.71 0.46
C ILE B 138 -2.87 24.17 1.85
N SER B 139 -3.76 24.00 2.80
CA SER B 139 -3.48 24.40 4.16
C SER B 139 -2.29 23.65 4.73
N ASP B 140 -2.19 22.35 4.44
CA ASP B 140 -1.08 21.55 4.92
C ASP B 140 0.26 21.91 4.28
N LEU B 141 0.22 22.39 3.04
CA LEU B 141 1.45 22.80 2.34
C LEU B 141 1.98 24.07 3.02
N GLN B 142 1.09 25.01 3.36
CA GLN B 142 1.52 26.22 4.03
C GLN B 142 2.09 25.91 5.42
N ALA B 143 1.46 25.00 6.15
CA ALA B 143 1.94 24.62 7.49
C ALA B 143 3.35 24.03 7.48
N LEU B 144 3.62 23.17 6.51
CA LEU B 144 4.93 22.58 6.40
C LEU B 144 5.94 23.65 5.92
N ALA B 145 5.49 24.55 5.02
CA ALA B 145 6.36 25.61 4.52
C ALA B 145 6.79 26.47 5.69
N GLN B 146 5.83 26.81 6.55
CA GLN B 146 6.07 27.63 7.73
C GLN B 146 6.97 26.93 8.74
N ARG B 147 6.77 25.63 8.90
CA ARG B 147 7.55 24.85 9.85
C ARG B 147 9.05 24.83 9.56
N TYR B 148 9.43 24.86 8.28
CA TYR B 148 10.85 24.83 7.92
C TYR B 148 11.33 26.13 7.31
N LYS B 149 10.54 27.18 7.49
CA LYS B 149 10.87 28.49 6.96
C LYS B 149 12.14 28.95 7.64
N GLY B 150 13.15 29.27 6.85
CA GLY B 150 14.39 29.69 7.45
C GLY B 150 15.39 28.53 7.55
N ASN B 151 15.00 27.31 7.16
CA ASN B 151 15.92 26.17 7.15
C ASN B 151 15.96 25.72 5.68
N PRO B 152 17.03 26.11 4.94
CA PRO B 152 17.23 25.78 3.53
C PRO B 152 17.53 24.32 3.27
N THR B 153 17.51 23.49 4.31
CA THR B 153 17.70 22.06 4.07
C THR B 153 16.51 21.65 3.18
N VAL B 154 15.32 22.17 3.51
CA VAL B 154 14.10 21.90 2.76
C VAL B 154 14.08 22.96 1.66
N VAL B 155 14.45 22.57 0.44
CA VAL B 155 14.52 23.51 -0.66
C VAL B 155 13.27 23.80 -1.50
N GLY B 156 12.27 22.95 -1.42
CA GLY B 156 11.06 23.14 -2.20
C GLY B 156 10.05 22.04 -1.98
N PHE B 157 8.88 22.15 -2.61
CA PHE B 157 7.82 21.17 -2.46
C PHE B 157 7.39 20.56 -3.81
N ASP B 158 7.06 19.27 -3.79
CA ASP B 158 6.58 18.52 -4.97
C ASP B 158 5.10 18.45 -4.61
N LEU B 159 4.35 19.41 -5.13
CA LEU B 159 2.92 19.64 -4.84
C LEU B 159 1.93 18.48 -4.74
N HIS B 160 1.99 17.54 -5.68
CA HIS B 160 1.13 16.37 -5.63
C HIS B 160 1.75 15.30 -6.49
N ASN B 161 1.86 14.10 -5.95
CA ASN B 161 2.49 13.05 -6.69
C ASN B 161 1.60 12.38 -7.70
N GLU B 162 2.07 12.35 -8.93
CA GLU B 162 1.43 11.70 -10.05
C GLU B 162 -0.02 11.96 -10.46
N PRO B 163 -0.34 13.20 -10.88
CA PRO B 163 -1.73 13.42 -11.28
C PRO B 163 -1.98 12.56 -12.51
N HIS B 164 -3.20 12.09 -12.68
CA HIS B 164 -3.49 11.33 -13.86
C HIS B 164 -4.96 11.41 -14.21
N ASP B 165 -5.37 10.71 -15.27
CA ASP B 165 -6.78 10.72 -15.72
C ASP B 165 -7.68 10.58 -14.51
N PRO B 166 -8.77 11.37 -14.44
CA PRO B 166 -9.27 12.38 -15.39
C PRO B 166 -8.61 13.76 -15.37
N ALA B 167 -7.47 13.91 -14.70
CA ALA B 167 -6.78 15.20 -14.67
C ALA B 167 -6.37 15.67 -16.08
N CYS B 168 -6.51 16.95 -16.35
CA CYS B 168 -6.15 17.50 -17.65
C CYS B 168 -5.15 18.63 -17.40
N TRP B 169 -4.51 19.09 -18.48
CA TRP B 169 -3.57 20.19 -18.43
C TRP B 169 -4.09 21.29 -19.35
N GLY B 170 -4.52 22.39 -18.76
CA GLY B 170 -5.01 23.49 -19.57
C GLY B 170 -6.38 23.37 -20.22
N CYS B 171 -7.20 22.38 -19.84
CA CYS B 171 -8.54 22.26 -20.44
C CYS B 171 -9.57 23.28 -19.92
N GLY B 172 -9.20 24.06 -18.89
CA GLY B 172 -10.07 25.08 -18.35
C GLY B 172 -11.06 24.72 -17.29
N ASP B 173 -11.32 23.44 -17.13
CA ASP B 173 -12.26 22.94 -16.12
C ASP B 173 -11.57 22.89 -14.77
N PRO B 174 -11.92 23.80 -13.85
CA PRO B 174 -11.36 23.90 -12.51
C PRO B 174 -11.38 22.66 -11.65
N SER B 175 -12.07 21.62 -12.06
CA SER B 175 -12.13 20.43 -11.23
C SER B 175 -11.18 19.31 -11.67
N ILE B 176 -10.61 19.45 -12.84
CA ILE B 176 -9.70 18.45 -13.31
C ILE B 176 -8.46 19.09 -13.92
N ASP B 177 -8.47 20.41 -14.05
CA ASP B 177 -7.35 21.12 -14.63
C ASP B 177 -6.19 21.22 -13.64
N TRP B 178 -5.25 20.28 -13.70
CA TRP B 178 -4.13 20.30 -12.77
C TRP B 178 -3.26 21.57 -12.90
N ARG B 179 -3.15 22.12 -14.11
CA ARG B 179 -2.34 23.32 -14.33
C ARG B 179 -2.77 24.51 -13.48
N LEU B 180 -4.07 24.69 -13.30
CA LEU B 180 -4.58 25.78 -12.49
C LEU B 180 -4.43 25.46 -11.00
N ALA B 181 -4.62 24.19 -10.63
CA ALA B 181 -4.51 23.79 -9.23
C ALA B 181 -3.11 23.98 -8.72
N ALA B 182 -2.13 23.65 -9.55
CA ALA B 182 -0.72 23.81 -9.17
C ALA B 182 -0.38 25.27 -8.94
N GLU B 183 -0.96 26.17 -9.74
CA GLU B 183 -0.71 27.60 -9.59
C GLU B 183 -1.25 28.09 -8.26
N ARG B 184 -2.44 27.61 -7.92
CA ARG B 184 -3.14 27.96 -6.69
C ARG B 184 -2.38 27.51 -5.44
N ALA B 185 -1.92 26.26 -5.44
CA ALA B 185 -1.16 25.70 -4.32
C ALA B 185 0.25 26.31 -4.30
N GLY B 186 0.86 26.40 -5.50
CA GLY B 186 2.18 26.99 -5.65
C GLY B 186 2.23 28.39 -5.07
N ASN B 187 1.29 29.26 -5.48
CA ASN B 187 1.19 30.62 -4.98
C ASN B 187 0.89 30.68 -3.48
N ALA B 188 0.19 29.68 -2.94
CA ALA B 188 -0.12 29.67 -1.51
C ALA B 188 1.14 29.38 -0.67
N VAL B 189 2.02 28.53 -1.18
CA VAL B 189 3.28 28.19 -0.49
C VAL B 189 4.22 29.41 -0.57
N LEU B 190 4.35 29.98 -1.76
CA LEU B 190 5.20 31.16 -1.97
C LEU B 190 4.71 32.36 -1.12
N SER B 191 3.51 32.29 -0.57
CA SER B 191 3.00 33.37 0.30
C SER B 191 3.56 33.24 1.70
N VAL B 192 4.04 32.05 2.03
CA VAL B 192 4.63 31.78 3.33
C VAL B 192 6.16 31.90 3.24
N ASN B 193 6.76 31.39 2.16
CA ASN B 193 8.21 31.45 1.99
C ASN B 193 8.51 31.56 0.48
N PRO B 194 8.72 32.78 -0.01
CA PRO B 194 8.99 33.12 -1.40
C PRO B 194 10.25 32.53 -1.98
N ASN B 195 11.06 31.91 -1.14
CA ASN B 195 12.31 31.33 -1.59
C ASN B 195 12.25 29.85 -1.92
N LEU B 196 11.13 29.20 -1.62
CA LEU B 196 10.99 27.78 -1.91
C LEU B 196 10.88 27.53 -3.42
N LEU B 197 11.41 26.41 -3.89
CA LEU B 197 11.30 26.05 -5.29
C LEU B 197 9.96 25.27 -5.36
N ILE B 198 9.23 25.41 -6.47
CA ILE B 198 7.94 24.73 -6.63
C ILE B 198 8.08 23.75 -7.78
N PHE B 199 7.98 22.46 -7.46
CA PHE B 199 8.10 21.38 -8.47
C PHE B 199 6.72 20.91 -8.90
N VAL B 200 6.38 21.10 -10.17
CA VAL B 200 5.08 20.72 -10.70
C VAL B 200 5.16 19.55 -11.66
N GLU B 201 4.50 18.44 -11.33
CA GLU B 201 4.52 17.26 -12.19
C GLU B 201 3.52 17.37 -13.32
N GLY B 202 3.66 16.51 -14.31
CA GLY B 202 2.73 16.53 -15.41
C GLY B 202 1.52 15.67 -15.12
N VAL B 203 0.67 15.47 -16.13
CA VAL B 203 -0.50 14.63 -15.98
C VAL B 203 -0.25 13.32 -16.72
N GLN B 204 -1.31 12.67 -17.18
CA GLN B 204 -1.12 11.40 -17.87
C GLN B 204 -1.34 11.49 -19.38
N SER B 205 -2.36 12.21 -19.79
CA SER B 205 -2.64 12.33 -21.21
C SER B 205 -2.93 13.74 -21.68
N TYR B 206 -2.47 14.04 -22.88
CA TYR B 206 -2.64 15.34 -23.52
C TYR B 206 -2.84 15.08 -25.01
N ASN B 207 -3.94 15.60 -25.53
CA ASN B 207 -4.33 15.46 -26.93
C ASN B 207 -4.41 14.01 -27.36
N GLY B 208 -5.07 13.20 -26.53
CA GLY B 208 -5.23 11.79 -26.82
C GLY B 208 -3.97 10.96 -26.73
N ASP B 209 -2.89 11.58 -26.24
CA ASP B 209 -1.61 10.89 -26.09
C ASP B 209 -1.37 10.58 -24.61
N SER B 210 -1.12 9.31 -24.30
CA SER B 210 -0.87 8.90 -22.92
C SER B 210 0.57 8.53 -22.65
N TYR B 211 0.99 8.76 -21.41
CA TYR B 211 2.36 8.48 -20.96
C TYR B 211 2.23 8.10 -19.47
N TRP B 212 3.36 7.87 -18.80
CA TRP B 212 3.36 7.55 -17.38
C TRP B 212 2.67 8.61 -16.54
N TRP B 213 2.02 8.21 -15.45
CA TRP B 213 1.36 9.16 -14.55
C TRP B 213 2.38 10.18 -14.08
N GLY B 214 1.98 11.44 -14.05
CA GLY B 214 2.88 12.50 -13.61
C GLY B 214 3.94 12.85 -14.64
N GLY B 215 3.99 12.14 -15.77
CA GLY B 215 5.02 12.43 -16.73
C GLY B 215 4.66 13.17 -17.99
N ASN B 216 3.39 13.44 -18.23
CA ASN B 216 3.00 14.13 -19.47
C ASN B 216 2.95 15.63 -19.29
N LEU B 217 3.99 16.31 -19.77
CA LEU B 217 4.10 17.78 -19.70
C LEU B 217 3.93 18.44 -21.07
N GLN B 218 3.29 17.73 -22.01
CA GLN B 218 3.05 18.23 -23.37
C GLN B 218 2.32 19.59 -23.51
N GLY B 219 1.47 19.93 -22.55
CA GLY B 219 0.77 21.19 -22.61
C GLY B 219 1.42 22.32 -21.86
N ALA B 220 2.52 22.07 -21.16
CA ALA B 220 3.20 23.11 -20.39
C ALA B 220 3.72 24.22 -21.28
N GLY B 221 4.16 23.83 -22.48
CA GLY B 221 4.69 24.79 -23.43
C GLY B 221 3.64 25.82 -23.80
N GLN B 222 2.44 25.34 -24.09
CA GLN B 222 1.35 26.21 -24.46
C GLN B 222 0.58 26.76 -23.26
N TYR B 223 0.55 26.00 -22.18
CA TYR B 223 -0.16 26.39 -20.97
C TYR B 223 0.79 26.33 -19.79
N PRO B 224 1.64 27.34 -19.69
CA PRO B 224 2.62 27.41 -18.63
C PRO B 224 2.03 27.68 -17.25
N VAL B 225 2.74 27.21 -16.23
CA VAL B 225 2.34 27.45 -14.86
C VAL B 225 3.01 28.80 -14.65
N VAL B 226 2.27 29.75 -14.08
CA VAL B 226 2.78 31.11 -13.85
C VAL B 226 2.52 31.44 -12.38
N LEU B 227 3.59 31.53 -11.60
CA LEU B 227 3.47 31.80 -10.17
C LEU B 227 3.75 33.26 -9.85
N ASN B 228 3.44 33.67 -8.62
CA ASN B 228 3.64 35.07 -8.21
C ASN B 228 5.08 35.53 -8.03
N VAL B 229 5.99 34.59 -7.75
CA VAL B 229 7.40 34.89 -7.53
C VAL B 229 8.19 34.19 -8.63
N PRO B 230 8.88 34.97 -9.48
CA PRO B 230 9.71 34.50 -10.60
C PRO B 230 10.89 33.64 -10.24
N ASN B 231 11.25 32.75 -11.16
CA ASN B 231 12.40 31.88 -11.01
C ASN B 231 12.33 30.90 -9.84
N ARG B 232 11.16 30.28 -9.67
CA ARG B 232 10.95 29.32 -8.61
C ARG B 232 10.37 28.06 -9.18
N LEU B 233 10.03 28.08 -10.46
CA LEU B 233 9.40 26.92 -11.04
C LEU B 233 10.28 25.85 -11.68
N VAL B 234 10.07 24.60 -11.28
CA VAL B 234 10.79 23.46 -11.84
C VAL B 234 9.74 22.42 -12.27
N TYR B 235 9.73 22.02 -13.54
CA TYR B 235 8.78 21.02 -14.01
C TYR B 235 9.34 19.63 -13.64
N SER B 236 8.48 18.63 -13.52
CA SER B 236 8.94 17.31 -13.14
C SER B 236 8.19 16.25 -13.88
N ALA B 237 8.84 15.12 -14.10
CA ALA B 237 8.24 14.03 -14.82
C ALA B 237 8.69 12.74 -14.17
N HIS B 238 8.02 11.63 -14.50
CA HIS B 238 8.36 10.30 -14.00
C HIS B 238 8.46 9.41 -15.23
N ASP B 239 9.28 8.36 -15.17
CA ASP B 239 9.43 7.47 -16.29
C ASP B 239 9.90 6.15 -15.71
N TYR B 240 9.32 5.05 -16.16
CA TYR B 240 9.63 3.71 -15.68
C TYR B 240 9.72 2.72 -16.85
N ALA B 241 10.05 1.47 -16.57
CA ALA B 241 10.16 0.48 -17.62
C ALA B 241 9.22 -0.70 -17.42
N THR B 242 9.50 -1.81 -18.12
CA THR B 242 8.63 -2.96 -18.07
C THR B 242 8.44 -3.63 -16.73
N SER B 243 9.35 -3.44 -15.80
CA SER B 243 9.18 -4.09 -14.51
C SER B 243 8.00 -3.48 -13.78
N VAL B 244 7.59 -2.29 -14.23
CA VAL B 244 6.44 -1.57 -13.67
C VAL B 244 5.25 -1.75 -14.60
N TYR B 245 5.46 -1.50 -15.88
CA TYR B 245 4.39 -1.64 -16.84
C TYR B 245 4.96 -1.66 -18.25
N PRO B 246 4.64 -2.72 -19.01
CA PRO B 246 5.08 -2.95 -20.39
C PRO B 246 4.45 -2.00 -21.37
N GLN B 247 4.85 -0.74 -21.30
CA GLN B 247 4.32 0.23 -22.23
C GLN B 247 4.69 -0.31 -23.61
N THR B 248 3.89 0.00 -24.61
CA THR B 248 4.15 -0.52 -25.94
C THR B 248 5.43 -0.08 -26.64
N TRP B 249 5.97 1.09 -26.30
CA TRP B 249 7.19 1.52 -26.97
C TRP B 249 8.35 0.60 -26.65
N PHE B 250 8.16 -0.30 -25.70
CA PHE B 250 9.22 -1.24 -25.33
C PHE B 250 9.26 -2.40 -26.35
N SER B 251 8.25 -2.44 -27.20
CA SER B 251 8.15 -3.48 -28.21
C SER B 251 8.40 -2.95 -29.61
N ASP B 252 8.73 -1.67 -29.72
CA ASP B 252 9.03 -1.07 -31.00
C ASP B 252 10.37 -1.70 -31.41
N PRO B 253 10.48 -2.18 -32.66
CA PRO B 253 11.72 -2.81 -33.14
C PRO B 253 12.98 -1.92 -33.16
N THR B 254 12.80 -0.60 -33.05
CA THR B 254 13.91 0.36 -33.04
C THR B 254 14.44 0.60 -31.61
N PHE B 255 13.73 0.08 -30.61
CA PHE B 255 14.12 0.24 -29.20
C PHE B 255 15.61 -0.09 -29.06
N PRO B 256 16.35 0.74 -28.31
CA PRO B 256 15.91 1.93 -27.58
C PRO B 256 15.97 3.24 -28.33
N ASN B 257 16.19 3.20 -29.63
CA ASN B 257 16.30 4.42 -30.45
C ASN B 257 15.03 5.25 -30.51
N ASN B 258 13.91 4.64 -30.15
CA ASN B 258 12.64 5.35 -30.12
C ASN B 258 12.45 6.17 -28.85
N MET B 259 13.20 5.83 -27.80
CA MET B 259 13.09 6.49 -26.50
C MET B 259 13.35 8.00 -26.44
N PRO B 260 14.41 8.49 -27.07
CA PRO B 260 14.65 9.93 -27.01
C PRO B 260 13.50 10.75 -27.55
N GLY B 261 12.76 10.20 -28.50
CA GLY B 261 11.62 10.92 -29.06
C GLY B 261 10.50 11.11 -28.06
N ILE B 262 10.19 10.05 -27.34
CA ILE B 262 9.14 10.03 -26.32
C ILE B 262 9.52 10.93 -25.17
N TRP B 263 10.78 10.87 -24.75
CA TRP B 263 11.24 11.73 -23.68
C TRP B 263 11.24 13.19 -24.10
N ASN B 264 11.73 13.48 -25.31
CA ASN B 264 11.76 14.86 -25.77
C ASN B 264 10.36 15.44 -25.86
N LYS B 265 9.45 14.62 -26.38
CA LYS B 265 8.06 15.03 -26.56
C LYS B 265 7.28 15.31 -25.28
N ASN B 266 7.45 14.46 -24.28
CA ASN B 266 6.74 14.59 -23.02
C ASN B 266 7.34 15.52 -21.97
N TRP B 267 8.67 15.61 -21.90
CA TRP B 267 9.31 16.49 -20.91
C TRP B 267 10.63 17.12 -21.35
N GLY B 268 11.40 16.37 -22.13
CA GLY B 268 12.70 16.86 -22.59
C GLY B 268 12.70 18.21 -23.24
N TYR B 269 11.76 18.42 -24.14
CA TYR B 269 11.68 19.66 -24.87
C TYR B 269 11.65 20.90 -23.98
N LEU B 270 11.32 20.78 -22.71
CA LEU B 270 11.30 21.97 -21.85
C LEU B 270 12.72 22.38 -21.49
N PHE B 271 13.60 21.40 -21.40
CA PHE B 271 15.01 21.62 -21.08
C PHE B 271 15.72 22.08 -22.35
N ASN B 272 15.52 21.31 -23.42
CA ASN B 272 16.14 21.60 -24.71
C ASN B 272 15.89 23.03 -25.17
N GLN B 273 14.63 23.46 -25.07
CA GLN B 273 14.23 24.80 -25.45
C GLN B 273 14.55 25.82 -24.39
N ASN B 274 15.21 25.38 -23.33
CA ASN B 274 15.61 26.25 -22.24
C ASN B 274 14.44 27.06 -21.71
N ILE B 275 13.33 26.37 -21.41
CA ILE B 275 12.13 27.03 -20.88
C ILE B 275 12.18 27.06 -19.37
N ALA B 276 12.58 25.94 -18.79
CA ALA B 276 12.69 25.83 -17.34
C ALA B 276 13.44 24.55 -16.99
N PRO B 277 13.94 24.42 -15.75
CA PRO B 277 14.65 23.21 -15.33
C PRO B 277 13.67 22.03 -15.39
N VAL B 278 14.13 20.82 -15.66
CA VAL B 278 13.24 19.65 -15.69
C VAL B 278 13.85 18.64 -14.73
N TRP B 279 13.02 18.08 -13.84
CA TRP B 279 13.43 17.13 -12.82
C TRP B 279 12.71 15.79 -12.99
N LEU B 280 13.47 14.72 -13.21
CA LEU B 280 12.88 13.40 -13.34
C LEU B 280 12.82 12.89 -11.88
N GLY B 281 11.70 13.11 -11.20
CA GLY B 281 11.55 12.71 -9.80
C GLY B 281 11.44 11.24 -9.45
N GLU B 282 11.18 10.38 -10.45
CA GLU B 282 11.10 8.96 -10.21
C GLU B 282 11.46 8.19 -11.45
N PHE B 283 12.18 7.09 -11.22
CA PHE B 283 12.56 6.15 -12.24
C PHE B 283 13.23 5.03 -11.45
N GLY B 284 13.03 3.80 -11.90
CA GLY B 284 13.61 2.67 -11.21
C GLY B 284 13.28 1.38 -11.92
N THR B 285 13.85 0.28 -11.47
CA THR B 285 13.63 -1.01 -12.10
C THR B 285 14.37 -2.10 -11.36
N THR B 286 13.90 -3.33 -11.54
CA THR B 286 14.49 -4.52 -10.91
C THR B 286 15.70 -5.02 -11.73
N LEU B 287 15.82 -4.50 -12.95
CA LEU B 287 16.89 -4.87 -13.86
C LEU B 287 16.81 -6.36 -14.14
N GLN B 288 15.60 -6.89 -14.15
CA GLN B 288 15.42 -8.31 -14.40
C GLN B 288 15.51 -8.61 -15.87
N SER B 289 14.93 -7.75 -16.69
CA SER B 289 14.96 -7.97 -18.11
C SER B 289 16.03 -7.16 -18.79
N THR B 290 16.45 -7.66 -19.94
CA THR B 290 17.44 -6.99 -20.75
C THR B 290 16.90 -5.64 -21.22
N THR B 291 15.59 -5.58 -21.41
CA THR B 291 14.93 -4.36 -21.85
C THR B 291 15.10 -3.25 -20.82
N ASP B 292 14.91 -3.58 -19.55
CA ASP B 292 15.06 -2.60 -18.50
C ASP B 292 16.51 -2.14 -18.36
N GLN B 293 17.45 -3.06 -18.58
CA GLN B 293 18.87 -2.74 -18.51
C GLN B 293 19.23 -1.75 -19.59
N THR B 294 18.83 -2.07 -20.81
CA THR B 294 19.07 -1.20 -21.97
C THR B 294 18.34 0.14 -21.75
N TRP B 295 17.17 0.09 -21.12
CA TRP B 295 16.40 1.29 -20.84
C TRP B 295 17.14 2.19 -19.88
N LEU B 296 17.66 1.64 -18.78
CA LEU B 296 18.32 2.46 -17.78
C LEU B 296 19.60 3.07 -18.33
N LYS B 297 20.34 2.28 -19.10
CA LYS B 297 21.58 2.70 -19.71
C LYS B 297 21.31 3.85 -20.68
N THR B 298 20.27 3.72 -21.48
CA THR B 298 19.93 4.76 -22.42
C THR B 298 19.50 6.04 -21.71
N LEU B 299 18.63 5.92 -20.71
CA LEU B 299 18.13 7.10 -19.95
C LEU B 299 19.23 7.90 -19.23
N VAL B 300 20.13 7.23 -18.52
CA VAL B 300 21.23 7.92 -17.83
C VAL B 300 22.00 8.80 -18.78
N GLN B 301 22.18 8.35 -20.01
CA GLN B 301 22.88 9.15 -21.01
C GLN B 301 22.02 10.32 -21.44
N TYR B 302 20.72 10.09 -21.62
CA TYR B 302 19.83 11.17 -22.04
C TYR B 302 19.81 12.25 -20.97
N LEU B 303 19.97 11.87 -19.71
CA LEU B 303 19.93 12.83 -18.61
C LEU B 303 21.15 13.74 -18.54
N ARG B 304 22.15 13.43 -19.37
CA ARG B 304 23.40 14.22 -19.47
C ARG B 304 24.37 14.05 -18.32
N PRO B 305 25.44 13.27 -18.54
CA PRO B 305 26.50 12.97 -17.57
C PRO B 305 27.15 14.24 -17.07
N THR B 306 27.44 14.27 -15.77
CA THR B 306 28.05 15.41 -15.11
C THR B 306 29.41 15.81 -15.71
N ALA B 307 30.23 14.82 -16.06
CA ALA B 307 31.56 15.09 -16.61
C ALA B 307 31.51 15.99 -17.83
N GLN B 308 30.47 15.85 -18.63
CA GLN B 308 30.34 16.69 -19.82
C GLN B 308 29.50 17.94 -19.65
N TYR B 309 28.45 17.86 -18.85
CA TYR B 309 27.55 18.99 -18.71
C TYR B 309 27.38 19.61 -17.35
N GLY B 310 28.01 19.06 -16.33
CA GLY B 310 27.86 19.62 -15.00
C GLY B 310 26.41 19.78 -14.59
N ALA B 311 26.05 20.96 -14.10
CA ALA B 311 24.68 21.25 -13.66
C ALA B 311 23.74 21.70 -14.75
N ASP B 312 24.21 21.71 -15.99
CA ASP B 312 23.38 22.10 -17.13
C ASP B 312 22.84 20.78 -17.71
N SER B 313 22.09 20.09 -16.85
CA SER B 313 21.53 18.80 -17.20
C SER B 313 20.20 18.63 -16.44
N PHE B 314 19.58 17.46 -16.59
CA PHE B 314 18.32 17.19 -15.91
C PHE B 314 18.56 16.84 -14.44
N GLN B 315 17.63 17.26 -13.58
CA GLN B 315 17.69 16.98 -12.15
C GLN B 315 17.09 15.59 -12.02
N TRP B 316 17.49 14.80 -11.02
CA TRP B 316 16.94 13.44 -10.87
C TRP B 316 16.98 12.87 -9.46
N THR B 317 16.01 12.02 -9.12
CA THR B 317 16.00 11.34 -7.83
C THR B 317 15.48 9.97 -8.18
N PHE B 318 16.28 8.96 -7.86
CA PHE B 318 15.98 7.58 -8.16
C PHE B 318 14.95 6.98 -7.19
N TRP B 319 14.22 5.97 -7.66
CA TRP B 319 13.23 5.27 -6.83
C TRP B 319 13.65 3.80 -6.82
N SER B 320 14.03 3.27 -5.66
CA SER B 320 14.06 4.00 -4.39
C SER B 320 15.21 3.47 -3.56
N TRP B 321 15.42 4.08 -2.40
CA TRP B 321 16.45 3.63 -1.48
C TRP B 321 15.99 2.27 -0.92
N ASN B 322 14.73 2.22 -0.45
CA ASN B 322 14.08 1.04 0.15
C ASN B 322 14.06 -0.21 -0.75
N PRO B 323 14.29 -1.39 -0.16
CA PRO B 323 14.25 -2.61 -0.97
C PRO B 323 12.78 -3.06 -1.09
N ASP B 324 11.96 -2.67 -0.12
CA ASP B 324 10.55 -3.03 -0.07
C ASP B 324 9.61 -2.25 -0.99
N SER B 325 9.97 -2.19 -2.28
CA SER B 325 9.17 -1.50 -3.29
C SER B 325 8.95 -2.56 -4.34
N GLY B 326 7.74 -3.09 -4.38
CA GLY B 326 7.36 -4.17 -5.26
C GLY B 326 7.95 -4.43 -6.62
N ASP B 327 7.71 -3.51 -7.55
CA ASP B 327 8.19 -3.69 -8.91
C ASP B 327 9.41 -2.85 -9.31
N THR B 328 10.17 -2.40 -8.34
CA THR B 328 11.37 -1.62 -8.63
C THR B 328 12.55 -2.12 -7.81
N GLY B 329 12.28 -2.54 -6.58
CA GLY B 329 13.36 -2.97 -5.72
C GLY B 329 14.01 -1.67 -5.27
N GLY B 330 15.29 -1.71 -4.92
CA GLY B 330 15.94 -0.48 -4.50
C GLY B 330 17.45 -0.53 -4.57
N ILE B 331 18.08 0.45 -3.93
CA ILE B 331 19.54 0.53 -3.90
C ILE B 331 20.05 -0.38 -2.80
N LEU B 332 19.36 -0.40 -1.65
CA LEU B 332 19.73 -1.30 -0.55
C LEU B 332 19.07 -2.65 -0.84
N LYS B 333 19.67 -3.73 -0.37
CA LYS B 333 19.05 -5.03 -0.60
C LYS B 333 18.09 -5.36 0.54
N ASP B 334 17.46 -6.53 0.46
CA ASP B 334 16.51 -6.99 1.46
C ASP B 334 16.97 -6.94 2.90
N ASP B 335 18.28 -6.89 3.12
CA ASP B 335 18.78 -6.83 4.49
C ASP B 335 18.90 -5.40 5.02
N TRP B 336 18.52 -4.42 4.21
CA TRP B 336 18.58 -3.00 4.58
C TRP B 336 19.98 -2.56 4.97
N GLN B 337 20.97 -3.12 4.29
CA GLN B 337 22.35 -2.79 4.59
C GLN B 337 23.27 -2.93 3.39
N THR B 338 23.22 -4.09 2.76
CA THR B 338 24.05 -4.38 1.61
C THR B 338 23.56 -3.55 0.43
N VAL B 339 24.49 -2.96 -0.32
CA VAL B 339 24.15 -2.13 -1.46
C VAL B 339 24.07 -2.94 -2.76
N ASP B 340 23.15 -2.58 -3.64
CA ASP B 340 23.04 -3.26 -4.93
C ASP B 340 24.03 -2.48 -5.76
N THR B 341 25.30 -2.83 -5.63
CA THR B 341 26.40 -2.15 -6.32
C THR B 341 26.23 -2.05 -7.82
N VAL B 342 25.59 -3.05 -8.38
CA VAL B 342 25.37 -3.09 -9.79
C VAL B 342 24.37 -2.03 -10.25
N LYS B 343 23.24 -1.93 -9.55
CA LYS B 343 22.22 -0.94 -9.89
C LYS B 343 22.78 0.42 -9.58
N ASP B 344 23.45 0.53 -8.45
CA ASP B 344 24.06 1.80 -8.08
C ASP B 344 25.10 2.20 -9.14
N GLY B 345 25.73 1.21 -9.76
CA GLY B 345 26.73 1.48 -10.78
C GLY B 345 26.19 2.21 -11.97
N TYR B 346 24.98 1.85 -12.38
CA TYR B 346 24.34 2.48 -13.53
C TYR B 346 24.17 4.00 -13.38
N LEU B 347 24.03 4.49 -12.16
CA LEU B 347 23.80 5.92 -11.96
C LEU B 347 25.04 6.80 -11.80
N ALA B 348 26.22 6.20 -11.76
CA ALA B 348 27.46 6.97 -11.57
C ALA B 348 27.69 8.13 -12.54
N PRO B 349 27.41 7.95 -13.84
CA PRO B 349 27.64 9.06 -14.77
C PRO B 349 26.84 10.33 -14.47
N ILE B 350 25.72 10.22 -13.77
CA ILE B 350 24.91 11.40 -13.49
C ILE B 350 24.91 11.95 -12.06
N LYS B 351 25.75 11.40 -11.19
CA LYS B 351 25.80 11.91 -9.82
C LYS B 351 26.56 13.23 -9.81
N SER B 352 26.24 14.06 -8.83
CA SER B 352 26.87 15.35 -8.71
C SER B 352 27.60 15.34 -7.36
N SER B 353 27.80 16.52 -6.78
CA SER B 353 28.50 16.62 -5.52
C SER B 353 27.59 16.86 -4.33
N ILE B 354 28.09 16.51 -3.14
CA ILE B 354 27.37 16.71 -1.88
C ILE B 354 27.39 18.23 -1.64
N PHE B 355 26.32 18.79 -1.12
CA PHE B 355 26.28 20.21 -0.89
C PHE B 355 26.95 20.54 0.41
N ASP B 356 27.00 21.83 0.71
CA ASP B 356 27.61 22.30 1.92
C ASP B 356 26.66 22.10 3.08
N PRO B 357 27.21 21.84 4.27
CA PRO B 357 26.36 21.62 5.43
C PRO B 357 25.46 22.82 5.65
N VAL B 358 24.46 22.60 6.49
CA VAL B 358 23.53 23.64 6.90
C VAL B 358 23.37 23.42 8.40
C2 BGC C . -16.87 0.93 -2.95
C3 BGC C . -15.85 0.71 -1.82
C4 BGC C . -14.49 1.26 -2.22
C5 BGC C . -14.57 2.67 -2.81
C6 BGC C . -13.22 3.05 -3.46
C1 BGC C . -16.88 2.39 -3.36
O1 BGC C . -17.80 2.59 -4.36
O2 BGC C . -18.17 0.53 -2.55
O3 BGC C . -15.73 -0.68 -1.55
O4 BGC C . -13.64 1.29 -1.07
O5 BGC C . -15.58 2.74 -3.85
O6 BGC C . -13.26 4.37 -3.98
C2 BGC C . -11.58 0.45 -0.17
C3 BGC C . -10.75 -0.82 -0.05
C4 BGC C . -11.56 -1.85 0.76
C5 BGC C . -12.95 -2.07 0.10
C6 BGC C . -13.86 -2.87 1.00
C1 BGC C . -12.87 0.11 -0.92
O2 BGC C . -10.87 1.47 -0.86
O3 BGC C . -9.48 -0.56 0.54
O4 BGC C . -10.83 -3.11 0.84
O5 BGC C . -13.65 -0.82 -0.16
O6 BGC C . -14.87 -3.54 0.26
C2 BGC C . -8.91 -4.21 1.92
C3 BGC C . -7.88 -4.08 3.08
C4 BGC C . -7.73 -2.56 3.37
C5 BGC C . -9.08 -2.10 3.89
C6 BGC C . -9.06 -0.69 4.50
C1 BGC C . -10.24 -3.37 2.15
O2 BGC C . -9.21 -5.59 1.71
O3 BGC C . -6.64 -4.68 2.68
O4 BGC C . -6.71 -2.27 4.35
O5 BGC C . -10.03 -2.09 2.79
O6 BGC C . -8.70 0.29 3.53
C2 BGC C . -4.83 -0.76 4.61
C3 BGC C . -3.34 -0.56 4.28
C4 BGC C . -2.60 -1.90 4.41
C5 BGC C . -3.27 -2.91 3.48
C6 BGC C . -2.65 -4.30 3.48
C1 BGC C . -5.45 -1.92 3.78
O2 BGC C . -5.55 0.44 4.37
O3 BGC C . -2.77 0.41 5.15
O4 BGC C . -1.22 -1.74 4.06
O5 BGC C . -4.64 -3.11 3.86
O6 BGC C . -3.50 -5.23 2.82
C2 BGC D . 0.06 3.81 -17.01
C3 BGC D . 1.02 3.49 -15.86
C4 BGC D . 0.29 2.73 -14.76
C5 BGC D . -0.56 1.56 -15.29
C6 BGC D . -1.51 1.04 -14.20
C1 BGC D . -0.62 2.54 -17.48
O1 BGC D . -1.48 2.82 -18.53
O2 BGC D . 0.77 4.40 -18.09
O3 BGC D . 1.53 4.71 -15.32
O4 BGC D . 1.25 2.21 -13.83
O5 BGC D . -1.39 1.99 -16.41
O6 BGC D . -2.29 -0.06 -14.66
C2 BGC D . 1.92 2.25 -11.53
C3 BGC D . 2.13 3.19 -10.36
C4 BGC D . 3.28 4.17 -10.75
C5 BGC D . 2.93 4.91 -12.06
C6 BGC D . 4.13 5.66 -12.59
C1 BGC D . 1.49 3.08 -12.72
O2 BGC D . 0.91 1.30 -11.22
O3 BGC D . 2.45 2.46 -9.17
O4 BGC D . 3.50 5.14 -9.68
O5 BGC D . 2.52 3.99 -13.11
O6 BGC D . 3.76 6.81 -13.33
C2 BGC D . 4.46 5.43 -7.43
C3 BGC D . 5.35 4.76 -6.35
C4 BGC D . 5.32 3.25 -6.61
C5 BGC D . 5.98 3.03 -7.98
C6 BGC D . 6.26 1.56 -8.32
C1 BGC D . 4.73 4.94 -8.90
O2 BGC D . 4.59 6.85 -7.34
O3 BGC D . 4.86 5.09 -5.05
O4 BGC D . 6.00 2.46 -5.59
O5 BGC D . 5.10 3.54 -9.01
O6 BGC D . 5.07 0.79 -8.45
C2 BGC D . 5.58 0.49 -4.21
C3 BGC D . 4.94 0.00 -2.90
C4 BGC D . 5.21 1.02 -1.79
C5 BGC D . 4.63 2.38 -2.24
C6 BGC D . 4.81 3.51 -1.24
C1 BGC D . 5.13 1.94 -4.56
O2 BGC D . 5.22 -0.41 -5.26
O3 BGC D . 5.48 -1.27 -2.53
O4 BGC D . 4.61 0.60 -0.57
O5 BGC D . 5.29 2.82 -3.44
O6 BGC D . 4.48 4.76 -1.84
#